data_4CYK
#
_entry.id   4CYK
#
_cell.length_a   1.000
_cell.length_b   1.000
_cell.length_c   1.000
_cell.angle_alpha   90.00
_cell.angle_beta   90.00
_cell.angle_gamma   90.00
#
_symmetry.space_group_name_H-M   'P 1'
#
loop_
_entity.id
_entity.type
_entity.pdbx_description
1 polymer 'PAB-DEPENDENT POLY(A)-SPECIFIC RIBONUCLEASE SUBUNIT PAN3'
2 non-polymer 'ZINC ION'
#
_entity_poly.entity_id   1
_entity_poly.type   'polypeptide(L)'
_entity_poly.pdbx_seq_one_letter_code
;MDKINPDWAKDIPCRNITIYGYCKKEKEGCPFKHSDNTTAT
;
_entity_poly.pdbx_strand_id   A
#
loop_
_chem_comp.id
_chem_comp.type
_chem_comp.name
_chem_comp.formula
ZN non-polymer 'ZINC ION' 'Zn 2'
#
# COMPACT_ATOMS: atom_id res chain seq x y z
N MET A 1 -3.43 -2.88 20.69
CA MET A 1 -2.30 -2.64 19.76
C MET A 1 -2.37 -1.25 19.14
N ASP A 2 -1.55 -0.33 19.64
CA ASP A 2 -1.53 1.03 19.13
C ASP A 2 -0.31 1.27 18.26
N LYS A 3 0.78 0.57 18.56
CA LYS A 3 2.01 0.70 17.80
C LYS A 3 2.01 -0.24 16.60
N ILE A 4 2.19 0.32 15.41
CA ILE A 4 2.22 -0.47 14.19
C ILE A 4 3.46 -0.15 13.36
N ASN A 5 4.41 -1.09 13.33
CA ASN A 5 5.64 -0.91 12.57
C ASN A 5 5.36 -1.05 11.08
N PRO A 6 5.96 -0.18 10.24
CA PRO A 6 5.76 -0.22 8.80
C PRO A 6 5.78 -1.64 8.22
N ASP A 7 6.46 -2.54 8.93
CA ASP A 7 6.55 -3.94 8.49
C ASP A 7 5.18 -4.57 8.37
N TRP A 8 4.19 -4.02 9.09
CA TRP A 8 2.83 -4.56 9.04
C TRP A 8 2.13 -4.15 7.75
N ALA A 9 2.13 -2.85 7.45
CA ALA A 9 1.50 -2.35 6.26
C ALA A 9 2.17 -2.90 5.01
N LYS A 10 3.48 -3.02 5.07
CA LYS A 10 4.25 -3.53 3.94
C LYS A 10 3.97 -5.01 3.70
N ASP A 11 3.33 -5.66 4.66
CA ASP A 11 2.99 -7.07 4.52
C ASP A 11 1.52 -7.26 4.14
N ILE A 12 0.78 -6.16 4.06
CA ILE A 12 -0.62 -6.19 3.70
C ILE A 12 -0.91 -5.29 2.50
N PRO A 13 -1.33 -5.87 1.36
CA PRO A 13 -1.62 -5.11 0.13
C PRO A 13 -2.86 -4.24 0.27
N CYS A 14 -2.72 -2.98 -0.13
CA CYS A 14 -3.82 -2.03 -0.09
C CYS A 14 -4.91 -2.41 -1.08
N ARG A 15 -6.17 -2.32 -0.65
CA ARG A 15 -7.29 -2.67 -1.51
C ARG A 15 -7.21 -1.91 -2.83
N ASN A 16 -6.55 -0.76 -2.80
CA ASN A 16 -6.38 0.06 -4.00
C ASN A 16 -5.55 -0.69 -5.03
N ILE A 17 -4.40 -1.16 -4.62
CA ILE A 17 -3.51 -1.90 -5.51
C ILE A 17 -4.13 -3.25 -5.89
N THR A 18 -4.92 -3.80 -4.97
CA THR A 18 -5.58 -5.09 -5.18
C THR A 18 -6.82 -4.97 -6.08
N ILE A 19 -7.60 -3.92 -5.86
CA ILE A 19 -8.83 -3.72 -6.62
C ILE A 19 -8.63 -2.78 -7.80
N TYR A 20 -8.11 -1.59 -7.52
CA TYR A 20 -7.89 -0.58 -8.55
C TYR A 20 -6.56 -0.77 -9.26
N GLY A 21 -5.70 -1.63 -8.70
CA GLY A 21 -4.40 -1.82 -9.30
C GLY A 21 -3.52 -0.59 -9.18
N TYR A 22 -4.00 0.39 -8.41
CA TYR A 22 -3.29 1.63 -8.19
C TYR A 22 -3.80 2.33 -6.94
N CYS A 23 -2.91 2.98 -6.21
CA CYS A 23 -3.31 3.70 -5.01
C CYS A 23 -2.96 5.17 -5.12
N LYS A 24 -3.79 5.93 -5.82
CA LYS A 24 -3.55 7.36 -6.00
C LYS A 24 -3.43 8.05 -4.65
N LYS A 25 -3.98 7.42 -3.61
CA LYS A 25 -3.93 7.97 -2.26
C LYS A 25 -2.63 7.57 -1.56
N GLU A 26 -1.81 6.77 -2.24
CA GLU A 26 -0.53 6.32 -1.68
C GLU A 26 0.28 7.53 -1.22
N LYS A 27 0.20 8.62 -1.98
CA LYS A 27 0.92 9.84 -1.64
C LYS A 27 0.38 10.44 -0.34
N GLU A 28 -0.80 9.98 0.06
CA GLU A 28 -1.44 10.44 1.28
C GLU A 28 -1.12 9.48 2.42
N GLY A 29 -1.61 9.77 3.61
CA GLY A 29 -1.36 8.91 4.75
C GLY A 29 -1.93 7.51 4.60
N CYS A 30 -2.14 7.04 3.37
CA CYS A 30 -2.67 5.71 3.15
C CYS A 30 -1.68 4.64 3.62
N PRO A 31 -2.13 3.70 4.47
CA PRO A 31 -1.25 2.64 4.98
C PRO A 31 -1.10 1.49 3.99
N PHE A 32 0.05 0.81 4.09
CA PHE A 32 0.39 -0.34 3.23
C PHE A 32 1.47 0.03 2.23
N LYS A 33 2.22 -0.97 1.79
CA LYS A 33 3.28 -0.74 0.82
C LYS A 33 2.72 -0.75 -0.60
N HIS A 34 2.45 0.43 -1.12
CA HIS A 34 1.90 0.56 -2.47
C HIS A 34 3.01 0.69 -3.49
N SER A 35 3.62 -0.45 -3.84
CA SER A 35 4.72 -0.46 -4.81
C SER A 35 4.19 -0.78 -6.21
N ASP A 36 4.23 0.22 -7.09
CA ASP A 36 3.75 0.04 -8.46
C ASP A 36 4.88 0.28 -9.46
N ASN A 37 6.11 -0.05 -9.05
CA ASN A 37 7.27 0.13 -9.91
C ASN A 37 7.93 -1.22 -10.22
N THR A 38 8.37 -1.90 -9.17
CA THR A 38 9.02 -3.20 -9.32
C THR A 38 7.99 -4.31 -9.42
N THR A 39 7.52 -4.57 -10.64
CA THR A 39 6.52 -5.61 -10.87
C THR A 39 7.12 -6.99 -10.63
N ALA A 40 6.67 -7.65 -9.58
CA ALA A 40 7.16 -8.99 -9.25
C ALA A 40 6.03 -9.88 -8.75
N THR A 41 6.34 -11.15 -8.53
CA THR A 41 5.35 -12.11 -8.05
C THR A 41 5.20 -12.02 -6.53
ZN ZN B . -3.53 2.75 -0.19
N MET A 1 -5.61 -2.20 18.36
CA MET A 1 -4.18 -2.07 17.99
C MET A 1 -3.70 -0.62 18.07
N ASP A 2 -2.49 -0.42 18.57
CA ASP A 2 -1.92 0.92 18.69
C ASP A 2 -0.58 1.01 17.97
N LYS A 3 0.42 0.36 18.53
CA LYS A 3 1.76 0.36 17.95
C LYS A 3 1.82 -0.53 16.71
N ILE A 4 2.01 0.09 15.56
CA ILE A 4 2.09 -0.63 14.29
C ILE A 4 3.39 -0.34 13.55
N ASN A 5 4.26 -1.33 13.47
CA ASN A 5 5.54 -1.17 12.79
C ASN A 5 5.34 -1.19 11.27
N PRO A 6 5.99 -0.28 10.53
CA PRO A 6 5.86 -0.20 9.08
C PRO A 6 5.89 -1.57 8.40
N ASP A 7 6.51 -2.55 9.06
CA ASP A 7 6.59 -3.89 8.52
C ASP A 7 5.21 -4.53 8.38
N TRP A 8 4.21 -3.96 9.06
CA TRP A 8 2.85 -4.51 9.00
C TRP A 8 2.16 -4.10 7.70
N ALA A 9 2.16 -2.80 7.42
CA ALA A 9 1.52 -2.29 6.22
C ALA A 9 2.19 -2.83 4.96
N LYS A 10 3.51 -2.95 5.01
CA LYS A 10 4.28 -3.45 3.88
C LYS A 10 3.98 -4.93 3.63
N ASP A 11 3.33 -5.59 4.58
CA ASP A 11 3.00 -7.00 4.45
C ASP A 11 1.54 -7.19 4.06
N ILE A 12 0.80 -6.09 4.00
CA ILE A 12 -0.62 -6.13 3.65
C ILE A 12 -0.91 -5.23 2.44
N PRO A 13 -1.17 -5.81 1.26
CA PRO A 13 -1.47 -5.05 0.05
C PRO A 13 -2.72 -4.18 0.19
N CYS A 14 -2.60 -2.91 -0.17
CA CYS A 14 -3.71 -1.98 -0.09
C CYS A 14 -4.81 -2.36 -1.09
N ARG A 15 -6.05 -2.30 -0.65
CA ARG A 15 -7.18 -2.64 -1.51
C ARG A 15 -7.12 -1.85 -2.82
N ASN A 16 -6.45 -0.71 -2.79
CA ASN A 16 -6.30 0.12 -3.98
C ASN A 16 -5.57 -0.65 -5.06
N ILE A 17 -4.41 -1.19 -4.71
CA ILE A 17 -3.60 -1.97 -5.63
C ILE A 17 -4.26 -3.31 -5.93
N THR A 18 -4.99 -3.83 -4.95
CA THR A 18 -5.66 -5.12 -5.09
C THR A 18 -6.94 -5.03 -5.93
N ILE A 19 -7.69 -3.94 -5.75
CA ILE A 19 -8.94 -3.74 -6.46
C ILE A 19 -8.77 -2.82 -7.66
N TYR A 20 -8.23 -1.64 -7.42
CA TYR A 20 -8.04 -0.65 -8.47
C TYR A 20 -6.72 -0.86 -9.21
N GLY A 21 -5.84 -1.69 -8.66
CA GLY A 21 -4.56 -1.91 -9.28
C GLY A 21 -3.64 -0.70 -9.15
N TYR A 22 -4.10 0.30 -8.39
CA TYR A 22 -3.33 1.51 -8.18
C TYR A 22 -3.84 2.25 -6.95
N CYS A 23 -2.93 2.87 -6.21
CA CYS A 23 -3.30 3.63 -5.03
C CYS A 23 -2.87 5.08 -5.17
N LYS A 24 -3.65 5.86 -5.92
CA LYS A 24 -3.33 7.27 -6.12
C LYS A 24 -3.23 8.00 -4.78
N LYS A 25 -3.83 7.43 -3.75
CA LYS A 25 -3.80 8.02 -2.42
C LYS A 25 -2.57 7.56 -1.63
N GLU A 26 -1.72 6.76 -2.28
CA GLU A 26 -0.50 6.27 -1.62
C GLU A 26 0.34 7.44 -1.11
N LYS A 27 0.36 8.53 -1.88
CA LYS A 27 1.10 9.72 -1.50
C LYS A 27 0.49 10.34 -0.24
N GLU A 28 -0.73 9.93 0.08
CA GLU A 28 -1.43 10.42 1.25
C GLU A 28 -1.18 9.47 2.42
N GLY A 29 -1.75 9.79 3.57
CA GLY A 29 -1.56 8.95 4.74
C GLY A 29 -2.09 7.53 4.58
N CYS A 30 -2.26 7.08 3.34
CA CYS A 30 -2.75 5.72 3.10
C CYS A 30 -1.73 4.69 3.55
N PRO A 31 -2.12 3.77 4.44
CA PRO A 31 -1.22 2.73 4.95
C PRO A 31 -1.07 1.57 3.96
N PHE A 32 0.07 0.89 4.06
CA PHE A 32 0.41 -0.27 3.21
C PHE A 32 1.48 0.10 2.18
N LYS A 33 2.22 -0.90 1.73
CA LYS A 33 3.26 -0.69 0.74
C LYS A 33 2.69 -0.72 -0.67
N HIS A 34 2.41 0.46 -1.21
CA HIS A 34 1.86 0.57 -2.55
C HIS A 34 2.95 0.71 -3.60
N SER A 35 3.58 -0.41 -3.94
CA SER A 35 4.66 -0.41 -4.93
C SER A 35 4.12 -0.08 -6.32
N ASP A 36 4.38 1.14 -6.78
CA ASP A 36 3.92 1.58 -8.08
C ASP A 36 5.02 2.34 -8.82
N ASN A 37 4.69 2.88 -9.99
CA ASN A 37 5.65 3.63 -10.79
C ASN A 37 6.04 4.93 -10.10
N THR A 38 5.07 5.55 -9.43
CA THR A 38 5.30 6.80 -8.72
C THR A 38 5.74 7.90 -9.69
N THR A 39 5.47 9.15 -9.33
CA THR A 39 5.83 10.28 -10.17
C THR A 39 5.15 10.20 -11.52
N ALA A 40 4.09 11.01 -11.70
CA ALA A 40 3.34 11.02 -12.94
C ALA A 40 2.92 12.44 -13.31
N THR A 41 2.93 12.73 -14.61
CA THR A 41 2.54 14.06 -15.09
C THR A 41 3.46 15.13 -14.52
ZN ZN B . -3.52 2.80 -0.22
N MET A 1 -6.52 2.27 18.44
CA MET A 1 -5.26 1.68 18.96
C MET A 1 -4.64 0.74 17.94
N ASP A 2 -4.00 1.31 16.93
CA ASP A 2 -3.35 0.52 15.88
C ASP A 2 -1.84 0.52 16.07
N LYS A 3 -1.40 0.39 17.31
CA LYS A 3 0.02 0.37 17.62
C LYS A 3 0.73 -0.78 16.90
N ILE A 4 1.22 -0.49 15.69
CA ILE A 4 1.91 -1.50 14.90
C ILE A 4 3.14 -0.90 14.20
N ASN A 5 4.05 -1.77 13.74
CA ASN A 5 5.27 -1.31 13.07
C ASN A 5 5.04 -1.18 11.57
N PRO A 6 5.58 -0.11 10.95
CA PRO A 6 5.43 0.12 9.50
C PRO A 6 5.62 -1.13 8.66
N ASP A 7 6.41 -2.07 9.17
CA ASP A 7 6.66 -3.32 8.46
C ASP A 7 5.35 -4.10 8.25
N TRP A 8 4.33 -3.74 9.02
CA TRP A 8 3.03 -4.42 8.94
C TRP A 8 2.32 -4.07 7.64
N ALA A 9 2.22 -2.78 7.34
CA ALA A 9 1.54 -2.34 6.13
C ALA A 9 2.25 -2.84 4.88
N LYS A 10 3.57 -2.93 4.96
CA LYS A 10 4.37 -3.40 3.83
C LYS A 10 4.09 -4.87 3.53
N ASP A 11 3.51 -5.58 4.49
CA ASP A 11 3.20 -6.99 4.29
C ASP A 11 1.73 -7.19 3.93
N ILE A 12 0.97 -6.11 3.88
CA ILE A 12 -0.44 -6.18 3.55
C ILE A 12 -0.79 -5.29 2.36
N PRO A 13 -1.10 -5.89 1.19
CA PRO A 13 -1.44 -5.13 -0.02
C PRO A 13 -2.69 -4.29 0.17
N CYS A 14 -2.59 -3.02 -0.21
CA CYS A 14 -3.70 -2.08 -0.10
C CYS A 14 -4.81 -2.45 -1.07
N ARG A 15 -6.06 -2.39 -0.59
CA ARG A 15 -7.20 -2.72 -1.43
C ARG A 15 -7.17 -1.93 -2.73
N ASN A 16 -6.47 -0.80 -2.72
CA ASN A 16 -6.34 0.04 -3.90
C ASN A 16 -5.63 -0.73 -5.01
N ILE A 17 -4.44 -1.21 -4.71
CA ILE A 17 -3.66 -1.98 -5.67
C ILE A 17 -4.32 -3.32 -5.97
N THR A 18 -5.05 -3.83 -4.98
CA THR A 18 -5.71 -5.13 -5.12
C THR A 18 -7.02 -5.02 -5.92
N ILE A 19 -7.78 -3.97 -5.67
CA ILE A 19 -9.06 -3.79 -6.35
C ILE A 19 -8.93 -2.84 -7.54
N TYR A 20 -8.40 -1.67 -7.30
CA TYR A 20 -8.25 -0.66 -8.34
C TYR A 20 -6.95 -0.84 -9.12
N GLY A 21 -6.06 -1.68 -8.62
CA GLY A 21 -4.79 -1.89 -9.29
C GLY A 21 -3.90 -0.67 -9.20
N TYR A 22 -4.33 0.32 -8.41
CA TYR A 22 -3.58 1.55 -8.23
C TYR A 22 -4.02 2.27 -6.97
N CYS A 23 -3.08 2.88 -6.26
CA CYS A 23 -3.41 3.63 -5.05
C CYS A 23 -2.99 5.09 -5.20
N LYS A 24 -3.81 5.88 -5.89
CA LYS A 24 -3.52 7.29 -6.08
C LYS A 24 -3.32 7.99 -4.74
N LYS A 25 -3.89 7.39 -3.69
CA LYS A 25 -3.77 7.95 -2.35
C LYS A 25 -2.46 7.53 -1.69
N GLU A 26 -1.67 6.71 -2.39
CA GLU A 26 -0.39 6.25 -1.88
C GLU A 26 0.48 7.44 -1.45
N LYS A 27 0.35 8.55 -2.17
CA LYS A 27 1.10 9.76 -1.86
C LYS A 27 0.60 10.39 -0.57
N GLU A 28 -0.56 9.91 -0.10
CA GLU A 28 -1.16 10.42 1.13
C GLU A 28 -0.83 9.48 2.28
N GLY A 29 -1.30 9.81 3.47
CA GLY A 29 -1.03 8.98 4.62
C GLY A 29 -1.68 7.59 4.54
N CYS A 30 -1.91 7.09 3.33
CA CYS A 30 -2.52 5.78 3.16
C CYS A 30 -1.57 4.68 3.64
N PRO A 31 -2.07 3.73 4.44
CA PRO A 31 -1.26 2.63 4.97
C PRO A 31 -1.09 1.50 3.96
N PHE A 32 0.07 0.84 4.03
CA PHE A 32 0.42 -0.28 3.15
C PHE A 32 1.50 0.12 2.15
N LYS A 33 2.25 -0.86 1.68
CA LYS A 33 3.32 -0.60 0.71
C LYS A 33 2.76 -0.63 -0.71
N HIS A 34 2.51 0.55 -1.26
CA HIS A 34 1.98 0.66 -2.61
C HIS A 34 3.11 0.87 -3.62
N SER A 35 3.80 -0.21 -3.97
CA SER A 35 4.89 -0.14 -4.92
C SER A 35 4.38 -0.02 -6.35
N ASP A 36 4.88 0.97 -7.07
CA ASP A 36 4.47 1.19 -8.46
C ASP A 36 2.97 1.44 -8.54
N ASN A 37 2.49 1.73 -9.76
CA ASN A 37 1.07 2.00 -9.97
C ASN A 37 0.61 1.44 -11.32
N THR A 38 1.39 1.73 -12.36
CA THR A 38 1.07 1.26 -13.70
C THR A 38 1.80 -0.03 -14.02
N THR A 39 1.22 -1.16 -13.64
CA THR A 39 1.83 -2.46 -13.88
C THR A 39 0.89 -3.36 -14.67
N ALA A 40 -0.38 -3.36 -14.30
CA ALA A 40 -1.38 -4.16 -14.99
C ALA A 40 -2.19 -3.34 -15.98
N THR A 41 -2.64 -2.17 -15.53
CA THR A 41 -3.42 -1.27 -16.38
C THR A 41 -3.13 0.18 -16.05
ZN ZN B . -3.51 2.71 -0.18
N MET A 1 -0.05 -5.69 21.70
CA MET A 1 0.42 -4.95 20.51
C MET A 1 -0.21 -3.56 20.45
N ASP A 2 0.64 -2.54 20.44
CA ASP A 2 0.18 -1.15 20.40
C ASP A 2 0.83 -0.40 19.23
N LYS A 3 2.12 -0.62 19.04
CA LYS A 3 2.86 0.04 17.97
C LYS A 3 2.74 -0.74 16.67
N ILE A 4 2.71 -0.03 15.55
CA ILE A 4 2.61 -0.67 14.24
C ILE A 4 3.85 -0.38 13.40
N ASN A 5 4.76 -1.35 13.33
CA ASN A 5 5.97 -1.20 12.54
C ASN A 5 5.65 -1.24 11.05
N PRO A 6 6.29 -0.38 10.25
CA PRO A 6 6.07 -0.32 8.80
C PRO A 6 5.97 -1.71 8.17
N ASP A 7 6.59 -2.70 8.81
CA ASP A 7 6.57 -4.06 8.30
C ASP A 7 5.14 -4.61 8.23
N TRP A 8 4.24 -4.06 9.04
CA TRP A 8 2.86 -4.52 9.05
C TRP A 8 2.13 -4.07 7.79
N ALA A 9 2.20 -2.77 7.50
CA ALA A 9 1.54 -2.23 6.33
C ALA A 9 2.13 -2.82 5.05
N LYS A 10 3.45 -3.00 5.06
CA LYS A 10 4.14 -3.54 3.91
C LYS A 10 3.79 -5.02 3.69
N ASP A 11 3.16 -5.63 4.69
CA ASP A 11 2.76 -7.03 4.58
C ASP A 11 1.28 -7.15 4.23
N ILE A 12 0.59 -6.03 4.15
CA ILE A 12 -0.83 -6.02 3.84
C ILE A 12 -1.09 -5.11 2.62
N PRO A 13 -1.44 -5.72 1.47
CA PRO A 13 -1.71 -4.97 0.23
C PRO A 13 -2.96 -4.10 0.32
N CYS A 14 -2.80 -2.84 -0.07
CA CYS A 14 -3.90 -1.89 -0.05
C CYS A 14 -4.97 -2.29 -1.06
N ARG A 15 -6.24 -2.19 -0.65
CA ARG A 15 -7.34 -2.55 -1.54
C ARG A 15 -7.23 -1.81 -2.87
N ASN A 16 -6.56 -0.67 -2.86
CA ASN A 16 -6.36 0.11 -4.06
C ASN A 16 -5.53 -0.67 -5.07
N ILE A 17 -4.38 -1.13 -4.62
CA ILE A 17 -3.48 -1.91 -5.47
C ILE A 17 -4.10 -3.28 -5.79
N THR A 18 -4.92 -3.76 -4.86
CA THR A 18 -5.58 -5.06 -5.03
C THR A 18 -6.79 -4.98 -5.96
N ILE A 19 -7.57 -3.92 -5.83
CA ILE A 19 -8.78 -3.74 -6.64
C ILE A 19 -8.53 -2.86 -7.86
N TYR A 20 -8.01 -1.67 -7.61
CA TYR A 20 -7.74 -0.71 -8.68
C TYR A 20 -6.38 -0.94 -9.33
N GLY A 21 -5.54 -1.76 -8.69
CA GLY A 21 -4.22 -2.00 -9.23
C GLY A 21 -3.33 -0.78 -9.10
N TYR A 22 -3.83 0.25 -8.39
CA TYR A 22 -3.09 1.48 -8.18
C TYR A 22 -3.65 2.24 -7.01
N CYS A 23 -2.78 2.89 -6.24
CA CYS A 23 -3.21 3.68 -5.10
C CYS A 23 -2.78 5.13 -5.26
N LYS A 24 -3.54 5.88 -6.04
CA LYS A 24 -3.23 7.29 -6.27
C LYS A 24 -3.15 8.05 -4.94
N LYS A 25 -3.79 7.50 -3.92
CA LYS A 25 -3.78 8.12 -2.60
C LYS A 25 -2.61 7.61 -1.75
N GLU A 26 -1.69 6.87 -2.38
CA GLU A 26 -0.53 6.34 -1.68
C GLU A 26 0.29 7.48 -1.07
N LYS A 27 0.31 8.62 -1.76
CA LYS A 27 1.05 9.78 -1.28
C LYS A 27 0.34 10.38 -0.05
N GLU A 28 -0.89 9.94 0.20
CA GLU A 28 -1.67 10.41 1.32
C GLU A 28 -1.48 9.45 2.50
N GLY A 29 -2.13 9.76 3.61
CA GLY A 29 -2.00 8.92 4.80
C GLY A 29 -2.43 7.48 4.58
N CYS A 30 -2.59 7.04 3.32
CA CYS A 30 -3.00 5.67 3.04
C CYS A 30 -1.91 4.69 3.47
N PRO A 31 -2.20 3.84 4.48
CA PRO A 31 -1.23 2.86 4.96
C PRO A 31 -1.09 1.68 4.02
N PHE A 32 0.05 0.98 4.13
CA PHE A 32 0.37 -0.21 3.32
C PHE A 32 1.41 0.12 2.27
N LYS A 33 2.16 -0.88 1.84
CA LYS A 33 3.20 -0.69 0.84
C LYS A 33 2.60 -0.70 -0.56
N HIS A 34 2.33 0.49 -1.08
CA HIS A 34 1.76 0.62 -2.41
C HIS A 34 2.85 0.70 -3.48
N SER A 35 3.40 -0.45 -3.83
CA SER A 35 4.46 -0.52 -4.84
C SER A 35 3.86 -0.65 -6.24
N ASP A 36 4.66 -0.32 -7.25
CA ASP A 36 4.22 -0.40 -8.63
C ASP A 36 4.68 -1.69 -9.29
N ASN A 37 4.75 -2.76 -8.49
CA ASN A 37 5.18 -4.06 -8.99
C ASN A 37 4.40 -5.18 -8.33
N THR A 38 4.81 -6.42 -8.57
CA THR A 38 4.15 -7.58 -8.01
C THR A 38 5.17 -8.53 -7.37
N THR A 39 4.94 -8.85 -6.09
CA THR A 39 5.84 -9.75 -5.37
C THR A 39 5.07 -10.95 -4.82
N ALA A 40 3.91 -10.68 -4.24
CA ALA A 40 3.08 -11.74 -3.67
C ALA A 40 1.75 -11.84 -4.39
N THR A 41 1.28 -13.06 -4.60
CA THR A 41 0.02 -13.31 -5.28
C THR A 41 -1.15 -13.27 -4.30
ZN ZN B . -3.60 2.88 -0.30
N MET A 1 -6.68 -3.30 15.33
CA MET A 1 -5.38 -2.99 15.97
C MET A 1 -4.86 -1.63 15.53
N ASP A 2 -4.21 -0.93 16.45
CA ASP A 2 -3.65 0.39 16.15
C ASP A 2 -2.15 0.41 16.37
N LYS A 3 -1.69 -0.23 17.44
CA LYS A 3 -0.27 -0.29 17.75
C LYS A 3 0.42 -1.36 16.92
N ILE A 4 1.13 -0.92 15.87
CA ILE A 4 1.84 -1.84 15.00
C ILE A 4 3.05 -1.15 14.34
N ASN A 5 3.96 -1.95 13.80
CA ASN A 5 5.16 -1.41 13.16
C ASN A 5 4.94 -1.22 11.66
N PRO A 6 5.39 -0.09 11.09
CA PRO A 6 5.22 0.21 9.67
C PRO A 6 5.48 -0.99 8.77
N ASP A 7 6.32 -1.91 9.22
CA ASP A 7 6.62 -3.10 8.44
C ASP A 7 5.35 -3.92 8.21
N TRP A 8 4.33 -3.67 9.02
CA TRP A 8 3.05 -4.37 8.91
C TRP A 8 2.35 -4.04 7.60
N ALA A 9 2.23 -2.76 7.31
CA ALA A 9 1.56 -2.31 6.09
C ALA A 9 2.30 -2.80 4.85
N LYS A 10 3.61 -2.86 4.95
CA LYS A 10 4.43 -3.31 3.82
C LYS A 10 4.21 -4.79 3.54
N ASP A 11 3.65 -5.50 4.51
CA ASP A 11 3.39 -6.92 4.34
C ASP A 11 1.93 -7.17 3.95
N ILE A 12 1.15 -6.10 3.87
CA ILE A 12 -0.25 -6.21 3.50
C ILE A 12 -0.58 -5.33 2.29
N PRO A 13 -1.17 -5.92 1.23
CA PRO A 13 -1.53 -5.18 0.01
C PRO A 13 -2.75 -4.30 0.20
N CYS A 14 -2.64 -3.04 -0.20
CA CYS A 14 -3.73 -2.09 -0.10
C CYS A 14 -4.87 -2.46 -1.03
N ARG A 15 -6.10 -2.37 -0.53
CA ARG A 15 -7.27 -2.72 -1.33
C ARG A 15 -7.25 -1.96 -2.66
N ASN A 16 -6.58 -0.81 -2.66
CA ASN A 16 -6.46 0.00 -3.87
C ASN A 16 -5.71 -0.76 -4.95
N ILE A 17 -4.51 -1.20 -4.62
CA ILE A 17 -3.69 -1.95 -5.56
C ILE A 17 -4.34 -3.28 -5.91
N THR A 18 -5.10 -3.82 -4.95
CA THR A 18 -5.77 -5.10 -5.14
C THR A 18 -7.06 -4.98 -5.97
N ILE A 19 -7.85 -3.95 -5.68
CA ILE A 19 -9.11 -3.74 -6.38
C ILE A 19 -8.98 -2.79 -7.56
N TYR A 20 -8.44 -1.61 -7.29
CA TYR A 20 -8.27 -0.59 -8.32
C TYR A 20 -6.98 -0.78 -9.10
N GLY A 21 -6.09 -1.65 -8.61
CA GLY A 21 -4.83 -1.86 -9.30
C GLY A 21 -3.94 -0.63 -9.21
N TYR A 22 -4.36 0.36 -8.42
CA TYR A 22 -3.61 1.59 -8.24
C TYR A 22 -4.05 2.30 -6.97
N CYS A 23 -3.10 2.92 -6.28
CA CYS A 23 -3.43 3.65 -5.05
C CYS A 23 -3.04 5.11 -5.18
N LYS A 24 -3.88 5.89 -5.85
CA LYS A 24 -3.62 7.32 -6.03
C LYS A 24 -3.43 8.01 -4.69
N LYS A 25 -3.96 7.38 -3.63
CA LYS A 25 -3.84 7.93 -2.29
C LYS A 25 -2.51 7.55 -1.65
N GLU A 26 -1.73 6.71 -2.34
CA GLU A 26 -0.42 6.29 -1.83
C GLU A 26 0.43 7.50 -1.47
N LYS A 27 0.29 8.57 -2.26
CA LYS A 27 1.04 9.79 -1.99
C LYS A 27 0.59 10.43 -0.68
N GLU A 28 -0.57 9.98 -0.20
CA GLU A 28 -1.13 10.47 1.05
C GLU A 28 -0.78 9.52 2.17
N GLY A 29 -1.20 9.83 3.40
CA GLY A 29 -0.91 8.98 4.53
C GLY A 29 -1.57 7.60 4.44
N CYS A 30 -1.80 7.10 3.22
CA CYS A 30 -2.42 5.78 3.06
C CYS A 30 -1.49 4.68 3.56
N PRO A 31 -2.02 3.73 4.35
CA PRO A 31 -1.22 2.63 4.88
C PRO A 31 -1.04 1.50 3.88
N PHE A 32 0.11 0.83 3.96
CA PHE A 32 0.48 -0.30 3.09
C PHE A 32 1.55 0.11 2.09
N LYS A 33 2.30 -0.88 1.61
CA LYS A 33 3.36 -0.61 0.65
C LYS A 33 2.83 -0.66 -0.77
N HIS A 34 2.58 0.52 -1.34
CA HIS A 34 2.06 0.62 -2.69
C HIS A 34 3.20 0.89 -3.68
N SER A 35 3.94 -0.17 -4.02
CA SER A 35 5.05 -0.05 -4.95
C SER A 35 4.88 -0.97 -6.15
N ASP A 36 5.53 -0.63 -7.26
CA ASP A 36 5.44 -1.44 -8.48
C ASP A 36 4.00 -1.55 -8.96
N ASN A 37 3.83 -1.92 -10.23
CA ASN A 37 2.50 -2.08 -10.81
C ASN A 37 2.27 -3.51 -11.25
N THR A 38 1.69 -4.31 -10.37
CA THR A 38 1.41 -5.72 -10.67
C THR A 38 -0.04 -5.89 -11.08
N THR A 39 -0.60 -4.88 -11.75
CA THR A 39 -1.98 -4.93 -12.20
C THR A 39 -2.21 -3.95 -13.34
N ALA A 40 -2.68 -4.46 -14.48
CA ALA A 40 -2.94 -3.64 -15.65
C ALA A 40 -4.43 -3.35 -15.79
N THR A 41 -5.25 -4.40 -15.69
CA THR A 41 -6.69 -4.27 -15.80
C THR A 41 -7.34 -4.19 -14.43
ZN ZN B . -3.42 2.69 -0.23
N MET A 1 -3.27 -3.91 18.57
CA MET A 1 -4.52 -3.17 18.87
C MET A 1 -4.51 -1.79 18.23
N ASP A 2 -3.31 -1.21 18.11
CA ASP A 2 -3.17 0.12 17.51
C ASP A 2 -1.71 0.41 17.17
N LYS A 3 -0.82 0.07 18.10
CA LYS A 3 0.61 0.29 17.91
C LYS A 3 1.23 -0.86 17.11
N ILE A 4 1.60 -0.57 15.87
CA ILE A 4 2.19 -1.58 15.00
C ILE A 4 3.45 -1.03 14.31
N ASN A 5 4.28 -1.93 13.77
CA ASN A 5 5.51 -1.53 13.10
C ASN A 5 5.28 -1.32 11.60
N PRO A 6 5.85 -0.25 11.02
CA PRO A 6 5.70 0.07 9.60
C PRO A 6 5.81 -1.16 8.70
N ASP A 7 6.56 -2.16 9.14
CA ASP A 7 6.73 -3.38 8.36
C ASP A 7 5.39 -4.12 8.20
N TRP A 8 4.40 -3.74 9.01
CA TRP A 8 3.09 -4.36 8.96
C TRP A 8 2.35 -4.01 7.67
N ALA A 9 2.29 -2.73 7.37
CA ALA A 9 1.60 -2.27 6.17
C ALA A 9 2.26 -2.81 4.91
N LYS A 10 3.57 -2.98 4.95
CA LYS A 10 4.31 -3.50 3.81
C LYS A 10 3.96 -4.96 3.54
N ASP A 11 3.37 -5.63 4.52
CA ASP A 11 3.00 -7.03 4.35
C ASP A 11 1.51 -7.16 4.04
N ILE A 12 0.81 -6.03 3.97
CA ILE A 12 -0.61 -6.04 3.67
C ILE A 12 -0.93 -5.15 2.45
N PRO A 13 -1.17 -5.75 1.29
CA PRO A 13 -1.48 -5.01 0.05
C PRO A 13 -2.73 -4.15 0.20
N CYS A 14 -2.61 -2.89 -0.18
CA CYS A 14 -3.72 -1.95 -0.12
C CYS A 14 -4.84 -2.36 -1.07
N ARG A 15 -6.08 -2.28 -0.60
CA ARG A 15 -7.23 -2.65 -1.42
C ARG A 15 -7.21 -1.90 -2.75
N ASN A 16 -6.55 -0.75 -2.76
CA ASN A 16 -6.44 0.05 -3.97
C ASN A 16 -5.64 -0.70 -5.01
N ILE A 17 -4.46 -1.16 -4.63
CA ILE A 17 -3.59 -1.91 -5.53
C ILE A 17 -4.22 -3.26 -5.86
N THR A 18 -4.97 -3.80 -4.91
CA THR A 18 -5.62 -5.10 -5.08
C THR A 18 -6.90 -5.01 -5.93
N ILE A 19 -7.67 -3.96 -5.72
CA ILE A 19 -8.93 -3.78 -6.44
C ILE A 19 -8.77 -2.86 -7.66
N TYR A 20 -8.25 -1.67 -7.42
CA TYR A 20 -8.06 -0.69 -8.48
C TYR A 20 -6.74 -0.88 -9.22
N GLY A 21 -5.86 -1.71 -8.66
CA GLY A 21 -4.57 -1.92 -9.28
C GLY A 21 -3.69 -0.70 -9.18
N TYR A 22 -4.16 0.31 -8.43
CA TYR A 22 -3.42 1.54 -8.24
C TYR A 22 -3.91 2.28 -7.00
N CYS A 23 -2.99 2.92 -6.29
CA CYS A 23 -3.36 3.69 -5.11
C CYS A 23 -2.95 5.14 -5.26
N LYS A 24 -3.75 5.91 -5.99
CA LYS A 24 -3.46 7.32 -6.22
C LYS A 24 -3.29 8.05 -4.90
N LYS A 25 -3.88 7.51 -3.84
CA LYS A 25 -3.80 8.11 -2.52
C LYS A 25 -2.55 7.64 -1.77
N GLU A 26 -1.72 6.84 -2.45
CA GLU A 26 -0.50 6.34 -1.84
C GLU A 26 0.36 7.50 -1.32
N LYS A 27 0.35 8.61 -2.04
CA LYS A 27 1.10 9.79 -1.65
C LYS A 27 0.50 10.41 -0.38
N GLU A 28 -0.70 9.96 -0.03
CA GLU A 28 -1.39 10.44 1.14
C GLU A 28 -1.11 9.50 2.31
N GLY A 29 -1.67 9.82 3.47
CA GLY A 29 -1.46 8.99 4.65
C GLY A 29 -1.99 7.56 4.49
N CYS A 30 -2.20 7.10 3.25
CA CYS A 30 -2.70 5.76 3.03
C CYS A 30 -1.67 4.72 3.46
N PRO A 31 -2.04 3.83 4.41
CA PRO A 31 -1.14 2.79 4.91
C PRO A 31 -1.02 1.62 3.94
N PHE A 32 0.12 0.93 4.00
CA PHE A 32 0.44 -0.22 3.16
C PHE A 32 1.50 0.12 2.13
N LYS A 33 2.23 -0.89 1.69
CA LYS A 33 3.28 -0.69 0.69
C LYS A 33 2.69 -0.74 -0.71
N HIS A 34 2.40 0.43 -1.26
CA HIS A 34 1.83 0.52 -2.60
C HIS A 34 2.93 0.60 -3.65
N SER A 35 3.51 -0.55 -3.98
CA SER A 35 4.58 -0.60 -4.97
C SER A 35 4.02 -0.40 -6.37
N ASP A 36 4.89 -0.02 -7.31
CA ASP A 36 4.49 0.23 -8.69
C ASP A 36 5.21 -0.74 -9.63
N ASN A 37 5.31 -2.00 -9.24
CA ASN A 37 5.97 -3.00 -10.05
C ASN A 37 4.96 -3.97 -10.66
N THR A 38 5.21 -4.37 -11.89
CA THR A 38 4.32 -5.29 -12.58
C THR A 38 5.11 -6.30 -13.42
N THR A 39 4.47 -7.41 -13.76
CA THR A 39 5.12 -8.46 -14.55
C THR A 39 4.52 -8.52 -15.96
N ALA A 40 5.24 -7.93 -16.92
CA ALA A 40 4.79 -7.92 -18.31
C ALA A 40 5.94 -7.62 -19.26
N THR A 41 5.79 -8.02 -20.51
CA THR A 41 6.81 -7.80 -21.52
C THR A 41 6.98 -6.30 -21.81
ZN ZN B . -3.51 2.83 -0.29
N MET A 1 -5.91 1.18 21.33
CA MET A 1 -4.61 1.58 20.71
C MET A 1 -3.96 0.40 20.00
N ASP A 2 -3.59 0.59 18.75
CA ASP A 2 -2.96 -0.45 17.95
C ASP A 2 -1.65 0.05 17.34
N LYS A 3 -0.66 0.28 18.19
CA LYS A 3 0.65 0.76 17.73
C LYS A 3 1.41 -0.36 17.03
N ILE A 4 1.31 -0.39 15.71
CA ILE A 4 2.00 -1.40 14.91
C ILE A 4 3.21 -0.81 14.18
N ASN A 5 4.12 -1.67 13.74
CA ASN A 5 5.32 -1.21 13.04
C ASN A 5 5.09 -1.15 11.54
N PRO A 6 5.55 -0.08 10.87
CA PRO A 6 5.38 0.10 9.42
C PRO A 6 5.60 -1.17 8.63
N ASP A 7 6.41 -2.08 9.17
CA ASP A 7 6.67 -3.35 8.51
C ASP A 7 5.38 -4.14 8.30
N TRP A 8 4.33 -3.78 9.06
CA TRP A 8 3.04 -4.45 8.97
C TRP A 8 2.33 -4.11 7.67
N ALA A 9 2.23 -2.82 7.38
CA ALA A 9 1.55 -2.36 6.18
C ALA A 9 2.28 -2.84 4.93
N LYS A 10 3.60 -2.92 5.00
CA LYS A 10 4.41 -3.36 3.89
C LYS A 10 4.19 -4.83 3.57
N ASP A 11 3.54 -5.55 4.49
CA ASP A 11 3.26 -6.96 4.28
C ASP A 11 1.79 -7.20 3.95
N ILE A 12 1.01 -6.12 3.89
CA ILE A 12 -0.41 -6.24 3.58
C ILE A 12 -0.79 -5.38 2.38
N PRO A 13 -1.14 -6.02 1.24
CA PRO A 13 -1.52 -5.30 0.02
C PRO A 13 -2.75 -4.43 0.21
N CYS A 14 -2.65 -3.17 -0.21
CA CYS A 14 -3.75 -2.22 -0.09
C CYS A 14 -4.86 -2.55 -1.08
N ARG A 15 -6.10 -2.49 -0.62
CA ARG A 15 -7.24 -2.78 -1.48
C ARG A 15 -7.21 -1.93 -2.75
N ASN A 16 -6.49 -0.82 -2.71
CA ASN A 16 -6.37 0.06 -3.87
C ASN A 16 -5.72 -0.68 -5.03
N ILE A 17 -4.52 -1.20 -4.80
CA ILE A 17 -3.79 -1.92 -5.82
C ILE A 17 -4.43 -3.28 -6.07
N THR A 18 -5.14 -3.79 -5.07
CA THR A 18 -5.80 -5.09 -5.18
C THR A 18 -7.12 -4.99 -5.96
N ILE A 19 -7.89 -3.95 -5.67
CA ILE A 19 -9.19 -3.74 -6.33
C ILE A 19 -9.07 -2.78 -7.51
N TYR A 20 -8.51 -1.61 -7.26
CA TYR A 20 -8.37 -0.59 -8.28
C TYR A 20 -7.11 -0.79 -9.12
N GLY A 21 -6.18 -1.63 -8.63
CA GLY A 21 -4.94 -1.85 -9.35
C GLY A 21 -4.02 -0.65 -9.26
N TYR A 22 -4.41 0.35 -8.47
CA TYR A 22 -3.64 1.56 -8.30
C TYR A 22 -4.05 2.29 -7.03
N CYS A 23 -3.09 2.86 -6.33
CA CYS A 23 -3.38 3.60 -5.11
C CYS A 23 -2.92 5.05 -5.24
N LYS A 24 -3.72 5.86 -5.94
CA LYS A 24 -3.38 7.27 -6.12
C LYS A 24 -3.20 7.96 -4.78
N LYS A 25 -3.80 7.38 -3.74
CA LYS A 25 -3.71 7.94 -2.39
C LYS A 25 -2.41 7.51 -1.71
N GLU A 26 -1.61 6.69 -2.40
CA GLU A 26 -0.35 6.22 -1.84
C GLU A 26 0.50 7.40 -1.39
N LYS A 27 0.43 8.51 -2.13
CA LYS A 27 1.18 9.71 -1.80
C LYS A 27 0.65 10.34 -0.51
N GLU A 28 -0.53 9.89 -0.09
CA GLU A 28 -1.15 10.39 1.12
C GLU A 28 -0.88 9.44 2.27
N GLY A 29 -1.37 9.77 3.45
CA GLY A 29 -1.14 8.93 4.62
C GLY A 29 -1.78 7.55 4.50
N CYS A 30 -1.97 7.04 3.28
CA CYS A 30 -2.56 5.72 3.09
C CYS A 30 -1.64 4.64 3.64
N PRO A 31 -2.20 3.67 4.39
CA PRO A 31 -1.42 2.58 4.96
C PRO A 31 -1.18 1.45 3.95
N PHE A 32 0.00 0.82 4.07
CA PHE A 32 0.41 -0.29 3.19
C PHE A 32 1.48 0.16 2.21
N LYS A 33 2.26 -0.80 1.73
CA LYS A 33 3.32 -0.51 0.78
C LYS A 33 2.80 -0.53 -0.65
N HIS A 34 2.64 0.64 -1.24
CA HIS A 34 2.15 0.75 -2.61
C HIS A 34 3.28 1.10 -3.57
N SER A 35 4.08 0.09 -3.92
CA SER A 35 5.20 0.29 -4.83
C SER A 35 4.94 -0.39 -6.17
N ASP A 36 5.43 0.23 -7.25
CA ASP A 36 5.25 -0.32 -8.58
C ASP A 36 6.22 -1.46 -8.84
N ASN A 37 6.29 -1.90 -10.10
CA ASN A 37 7.19 -2.99 -10.47
C ASN A 37 8.58 -2.47 -10.77
N THR A 38 9.49 -2.67 -9.84
CA THR A 38 10.87 -2.21 -10.00
C THR A 38 11.70 -3.25 -10.77
N THR A 39 11.70 -3.12 -12.10
CA THR A 39 12.45 -4.05 -12.94
C THR A 39 13.49 -3.30 -13.77
N ALA A 40 13.07 -2.21 -14.40
CA ALA A 40 13.97 -1.41 -15.22
C ALA A 40 13.78 0.07 -14.95
N THR A 41 13.43 0.41 -13.71
CA THR A 41 13.22 1.80 -13.32
C THR A 41 14.27 2.25 -12.31
ZN ZN B . -3.51 2.57 -0.20
N MET A 1 -3.72 -4.55 20.58
CA MET A 1 -3.31 -3.73 19.41
C MET A 1 -2.92 -2.33 19.84
N ASP A 2 -1.75 -1.88 19.39
CA ASP A 2 -1.26 -0.55 19.73
C ASP A 2 0.05 -0.25 19.01
N LYS A 3 0.91 -1.25 18.91
CA LYS A 3 2.19 -1.10 18.24
C LYS A 3 2.14 -1.66 16.82
N ILE A 4 2.32 -0.79 15.84
CA ILE A 4 2.29 -1.19 14.44
C ILE A 4 3.54 -0.72 13.71
N ASN A 5 4.47 -1.64 13.49
CA ASN A 5 5.71 -1.31 12.80
C ASN A 5 5.46 -1.22 11.29
N PRO A 6 6.12 -0.27 10.60
CA PRO A 6 5.94 -0.07 9.15
C PRO A 6 5.92 -1.40 8.38
N ASP A 7 6.52 -2.43 8.95
CA ASP A 7 6.56 -3.74 8.31
C ASP A 7 5.16 -4.35 8.20
N TRP A 8 4.24 -3.90 9.05
CA TRP A 8 2.87 -4.43 9.02
C TRP A 8 2.15 -4.02 7.75
N ALA A 9 2.16 -2.72 7.45
CA ALA A 9 1.51 -2.21 6.27
C ALA A 9 2.15 -2.77 5.01
N LYS A 10 3.47 -2.88 5.05
CA LYS A 10 4.23 -3.39 3.91
C LYS A 10 3.95 -4.87 3.69
N ASP A 11 3.33 -5.52 4.68
CA ASP A 11 3.00 -6.94 4.55
C ASP A 11 1.54 -7.14 4.19
N ILE A 12 0.80 -6.03 4.10
CA ILE A 12 -0.62 -6.08 3.76
C ILE A 12 -0.91 -5.18 2.55
N PRO A 13 -1.29 -5.79 1.42
CA PRO A 13 -1.60 -5.04 0.18
C PRO A 13 -2.85 -4.19 0.31
N CYS A 14 -2.72 -2.92 -0.08
CA CYS A 14 -3.83 -1.98 -0.04
C CYS A 14 -4.90 -2.37 -1.05
N ARG A 15 -6.17 -2.29 -0.64
CA ARG A 15 -7.27 -2.64 -1.52
C ARG A 15 -7.18 -1.86 -2.84
N ASN A 16 -6.49 -0.73 -2.81
CA ASN A 16 -6.30 0.08 -4.00
C ASN A 16 -5.55 -0.71 -5.07
N ILE A 17 -4.37 -1.18 -4.72
CA ILE A 17 -3.54 -1.97 -5.63
C ILE A 17 -4.21 -3.30 -5.95
N THR A 18 -5.00 -3.80 -4.99
CA THR A 18 -5.69 -5.07 -5.14
C THR A 18 -6.94 -4.98 -6.02
N ILE A 19 -7.72 -3.93 -5.82
CA ILE A 19 -8.95 -3.74 -6.58
C ILE A 19 -8.74 -2.80 -7.77
N TYR A 20 -8.22 -1.63 -7.51
CA TYR A 20 -7.99 -0.63 -8.55
C TYR A 20 -6.66 -0.85 -9.26
N GLY A 21 -5.80 -1.70 -8.70
CA GLY A 21 -4.51 -1.94 -9.31
C GLY A 21 -3.59 -0.74 -9.17
N TYR A 22 -4.06 0.28 -8.44
CA TYR A 22 -3.28 1.50 -8.24
C TYR A 22 -3.80 2.25 -7.02
N CYS A 23 -2.90 2.86 -6.26
CA CYS A 23 -3.30 3.63 -5.10
C CYS A 23 -2.85 5.08 -5.23
N LYS A 24 -3.61 5.86 -5.99
CA LYS A 24 -3.28 7.27 -6.19
C LYS A 24 -3.18 7.99 -4.84
N LYS A 25 -3.83 7.42 -3.83
CA LYS A 25 -3.82 8.00 -2.50
C LYS A 25 -2.58 7.58 -1.72
N GLU A 26 -1.73 6.75 -2.35
CA GLU A 26 -0.50 6.29 -1.72
C GLU A 26 0.32 7.48 -1.20
N LYS A 27 0.32 8.57 -1.97
CA LYS A 27 1.04 9.78 -1.58
C LYS A 27 0.42 10.40 -0.32
N GLU A 28 -0.78 9.94 0.01
CA GLU A 28 -1.48 10.44 1.18
C GLU A 28 -1.23 9.51 2.36
N GLY A 29 -1.79 9.84 3.51
CA GLY A 29 -1.60 9.02 4.69
C GLY A 29 -2.12 7.59 4.55
N CYS A 30 -2.32 7.12 3.31
CA CYS A 30 -2.80 5.76 3.09
C CYS A 30 -1.77 4.73 3.56
N PRO A 31 -2.15 3.82 4.46
CA PRO A 31 -1.25 2.78 4.96
C PRO A 31 -1.09 1.63 3.98
N PHE A 32 0.05 0.94 4.09
CA PHE A 32 0.39 -0.22 3.25
C PHE A 32 1.46 0.15 2.22
N LYS A 33 2.21 -0.85 1.80
CA LYS A 33 3.27 -0.63 0.81
C LYS A 33 2.70 -0.67 -0.60
N HIS A 34 2.41 0.51 -1.13
CA HIS A 34 1.84 0.62 -2.47
C HIS A 34 2.95 0.74 -3.52
N SER A 35 3.56 -0.40 -3.85
CA SER A 35 4.63 -0.43 -4.84
C SER A 35 4.08 -0.61 -6.25
N ASP A 36 3.98 0.48 -6.99
CA ASP A 36 3.46 0.44 -8.36
C ASP A 36 4.58 0.68 -9.37
N ASN A 37 5.60 1.42 -8.95
CA ASN A 37 6.74 1.73 -9.83
C ASN A 37 7.38 0.45 -10.35
N THR A 38 7.07 0.10 -11.59
CA THR A 38 7.62 -1.10 -12.21
C THR A 38 7.44 -1.07 -13.72
N THR A 39 8.30 -0.32 -14.40
CA THR A 39 8.23 -0.20 -15.85
C THR A 39 8.47 -1.55 -16.52
N ALA A 40 7.91 -1.72 -17.72
CA ALA A 40 8.06 -2.97 -18.46
C ALA A 40 7.50 -4.14 -17.67
N THR A 41 6.19 -4.33 -17.73
CA THR A 41 5.53 -5.42 -17.02
C THR A 41 5.61 -6.71 -17.83
ZN ZN B . -3.60 2.80 -0.24
N MET A 1 -6.18 0.74 19.56
CA MET A 1 -5.40 -0.50 19.81
C MET A 1 -4.82 -1.06 18.51
N ASP A 2 -4.53 -0.17 17.57
CA ASP A 2 -3.97 -0.58 16.28
C ASP A 2 -2.51 -0.20 16.17
N LYS A 3 -1.82 -0.10 17.31
CA LYS A 3 -0.42 0.26 17.33
C LYS A 3 0.42 -0.78 16.59
N ILE A 4 1.00 -0.37 15.46
CA ILE A 4 1.82 -1.28 14.65
C ILE A 4 2.87 -0.52 13.86
N ASN A 5 3.96 -1.19 13.52
CA ASN A 5 5.05 -0.57 12.75
C ASN A 5 4.84 -0.77 11.26
N PRO A 6 5.22 0.21 10.44
CA PRO A 6 5.06 0.15 8.99
C PRO A 6 5.41 -1.21 8.39
N ASP A 7 6.23 -1.98 9.10
CA ASP A 7 6.61 -3.31 8.63
C ASP A 7 5.36 -4.17 8.40
N TRP A 8 4.26 -3.80 9.04
CA TRP A 8 3.00 -4.54 8.89
C TRP A 8 2.31 -4.21 7.58
N ALA A 9 2.17 -2.92 7.30
CA ALA A 9 1.52 -2.46 6.10
C ALA A 9 2.26 -2.93 4.85
N LYS A 10 3.59 -2.99 4.95
CA LYS A 10 4.41 -3.42 3.83
C LYS A 10 4.18 -4.90 3.52
N ASP A 11 3.61 -5.63 4.48
CA ASP A 11 3.35 -7.04 4.29
C ASP A 11 1.91 -7.28 3.85
N ILE A 12 1.11 -6.21 3.79
CA ILE A 12 -0.28 -6.32 3.38
C ILE A 12 -0.57 -5.38 2.22
N PRO A 13 -1.13 -5.91 1.11
CA PRO A 13 -1.46 -5.11 -0.07
C PRO A 13 -2.70 -4.25 0.11
N CYS A 14 -2.57 -2.98 -0.22
CA CYS A 14 -3.68 -2.03 -0.11
C CYS A 14 -4.82 -2.43 -1.03
N ARG A 15 -6.05 -2.35 -0.52
CA ARG A 15 -7.22 -2.71 -1.32
C ARG A 15 -7.21 -1.94 -2.64
N ASN A 16 -6.56 -0.79 -2.64
CA ASN A 16 -6.46 0.03 -3.83
C ASN A 16 -5.68 -0.68 -4.91
N ILE A 17 -4.48 -1.14 -4.54
CA ILE A 17 -3.62 -1.87 -5.47
C ILE A 17 -4.24 -3.22 -5.83
N THR A 18 -4.98 -3.77 -4.89
CA THR A 18 -5.63 -5.08 -5.07
C THR A 18 -6.91 -4.98 -5.91
N ILE A 19 -7.74 -3.99 -5.61
CA ILE A 19 -9.01 -3.83 -6.32
C ILE A 19 -8.91 -2.83 -7.46
N TYR A 20 -8.35 -1.66 -7.17
CA TYR A 20 -8.22 -0.61 -8.19
C TYR A 20 -6.95 -0.80 -9.02
N GLY A 21 -6.03 -1.63 -8.53
CA GLY A 21 -4.78 -1.83 -9.24
C GLY A 21 -3.89 -0.61 -9.16
N TYR A 22 -4.32 0.37 -8.36
CA TYR A 22 -3.58 1.61 -8.20
C TYR A 22 -4.00 2.33 -6.91
N CYS A 23 -3.05 2.96 -6.24
CA CYS A 23 -3.36 3.70 -5.02
C CYS A 23 -2.97 5.16 -5.18
N LYS A 24 -3.82 5.93 -5.85
CA LYS A 24 -3.57 7.35 -6.07
C LYS A 24 -3.33 8.07 -4.74
N LYS A 25 -3.84 7.49 -3.66
CA LYS A 25 -3.69 8.07 -2.33
C LYS A 25 -2.41 7.58 -1.66
N GLU A 26 -1.61 6.81 -2.38
CA GLU A 26 -0.36 6.29 -1.84
C GLU A 26 0.52 7.44 -1.36
N LYS A 27 0.42 8.57 -2.03
CA LYS A 27 1.19 9.76 -1.67
C LYS A 27 0.66 10.36 -0.36
N GLU A 28 -0.51 9.89 0.08
CA GLU A 28 -1.13 10.35 1.30
C GLU A 28 -0.82 9.38 2.43
N GLY A 29 -1.31 9.69 3.63
CA GLY A 29 -1.07 8.83 4.77
C GLY A 29 -1.70 7.45 4.63
N CYS A 30 -1.93 6.98 3.40
CA CYS A 30 -2.51 5.66 3.19
C CYS A 30 -1.56 4.57 3.65
N PRO A 31 -2.04 3.60 4.44
CA PRO A 31 -1.22 2.50 4.93
C PRO A 31 -1.05 1.37 3.92
N PHE A 32 0.11 0.71 3.98
CA PHE A 32 0.47 -0.41 3.09
C PHE A 32 1.55 0.00 2.11
N LYS A 33 2.30 -0.98 1.64
CA LYS A 33 3.38 -0.71 0.68
C LYS A 33 2.83 -0.73 -0.74
N HIS A 34 2.55 0.45 -1.27
CA HIS A 34 2.01 0.57 -2.61
C HIS A 34 3.14 0.73 -3.63
N SER A 35 3.78 -0.38 -3.97
CA SER A 35 4.88 -0.37 -4.93
C SER A 35 4.37 -0.61 -6.34
N ASP A 36 4.71 0.29 -7.26
CA ASP A 36 4.29 0.17 -8.65
C ASP A 36 4.84 -1.10 -9.28
N ASN A 37 4.58 -1.27 -10.57
CA ASN A 37 5.06 -2.45 -11.30
C ASN A 37 6.18 -2.08 -12.26
N THR A 38 6.16 -0.85 -12.75
CA THR A 38 7.17 -0.38 -13.68
C THR A 38 8.44 0.05 -12.94
N THR A 39 9.47 0.42 -13.69
CA THR A 39 10.74 0.84 -13.11
C THR A 39 10.94 2.35 -13.27
N ALA A 40 11.04 3.05 -12.16
CA ALA A 40 11.24 4.50 -12.17
C ALA A 40 11.97 4.97 -10.92
N THR A 41 12.84 4.12 -10.39
CA THR A 41 13.60 4.44 -9.19
C THR A 41 15.10 4.34 -9.46
ZN ZN B . -3.41 2.75 -0.21
N MET A 1 -5.55 -3.39 17.49
CA MET A 1 -4.23 -3.17 16.84
C MET A 1 -3.50 -1.98 17.48
N ASP A 2 -2.82 -2.25 18.59
CA ASP A 2 -2.09 -1.20 19.30
C ASP A 2 -0.74 -0.95 18.65
N LYS A 3 0.21 -1.84 18.90
CA LYS A 3 1.55 -1.72 18.34
C LYS A 3 1.56 -2.16 16.87
N ILE A 4 1.94 -1.25 15.99
CA ILE A 4 1.99 -1.53 14.57
C ILE A 4 3.32 -1.08 13.96
N ASN A 5 4.19 -2.04 13.66
CA ASN A 5 5.49 -1.73 13.07
C ASN A 5 5.32 -1.46 11.58
N PRO A 6 6.05 -0.47 11.04
CA PRO A 6 5.97 -0.11 9.62
C PRO A 6 5.95 -1.32 8.70
N ASP A 7 6.48 -2.45 9.18
CA ASP A 7 6.51 -3.67 8.38
C ASP A 7 5.12 -4.29 8.24
N TRP A 8 4.18 -3.87 9.08
CA TRP A 8 2.82 -4.41 9.02
C TRP A 8 2.13 -3.99 7.72
N ALA A 9 2.14 -2.70 7.44
CA ALA A 9 1.51 -2.19 6.24
C ALA A 9 2.20 -2.72 4.99
N LYS A 10 3.52 -2.82 5.05
CA LYS A 10 4.31 -3.31 3.94
C LYS A 10 4.05 -4.80 3.69
N ASP A 11 3.38 -5.46 4.63
CA ASP A 11 3.08 -6.88 4.48
C ASP A 11 1.61 -7.09 4.09
N ILE A 12 0.86 -5.99 4.02
CA ILE A 12 -0.55 -6.07 3.66
C ILE A 12 -0.86 -5.17 2.45
N PRO A 13 -1.12 -5.78 1.27
CA PRO A 13 -1.42 -5.02 0.05
C PRO A 13 -2.68 -4.17 0.20
N CYS A 14 -2.56 -2.90 -0.18
CA CYS A 14 -3.68 -1.97 -0.10
C CYS A 14 -4.78 -2.36 -1.08
N ARG A 15 -6.03 -2.31 -0.63
CA ARG A 15 -7.16 -2.66 -1.47
C ARG A 15 -7.12 -1.89 -2.79
N ASN A 16 -6.43 -0.74 -2.78
CA ASN A 16 -6.30 0.08 -3.97
C ASN A 16 -5.58 -0.70 -5.06
N ILE A 17 -4.40 -1.22 -4.73
CA ILE A 17 -3.60 -1.99 -5.67
C ILE A 17 -4.25 -3.35 -5.95
N THR A 18 -4.97 -3.86 -4.96
CA THR A 18 -5.64 -5.15 -5.07
C THR A 18 -6.93 -5.07 -5.88
N ILE A 19 -7.68 -3.99 -5.69
CA ILE A 19 -8.95 -3.80 -6.39
C ILE A 19 -8.81 -2.88 -7.60
N TYR A 20 -8.29 -1.69 -7.35
CA TYR A 20 -8.13 -0.69 -8.41
C TYR A 20 -6.82 -0.88 -9.17
N GLY A 21 -5.92 -1.71 -8.65
CA GLY A 21 -4.65 -1.92 -9.30
C GLY A 21 -3.75 -0.69 -9.18
N TYR A 22 -4.20 0.30 -8.40
CA TYR A 22 -3.46 1.53 -8.21
C TYR A 22 -3.93 2.24 -6.94
N CYS A 23 -3.02 2.93 -6.27
CA CYS A 23 -3.38 3.66 -5.06
C CYS A 23 -3.05 5.14 -5.23
N LYS A 24 -3.93 5.87 -5.91
CA LYS A 24 -3.73 7.29 -6.13
C LYS A 24 -3.56 8.03 -4.80
N LYS A 25 -4.06 7.41 -3.73
CA LYS A 25 -3.96 8.00 -2.40
C LYS A 25 -2.63 7.62 -1.73
N GLU A 26 -1.83 6.80 -2.40
CA GLU A 26 -0.53 6.39 -1.86
C GLU A 26 0.30 7.61 -1.48
N LYS A 27 0.17 8.68 -2.26
CA LYS A 27 0.89 9.92 -1.98
C LYS A 27 0.41 10.54 -0.68
N GLU A 28 -0.76 10.09 -0.21
CA GLU A 28 -1.35 10.57 1.03
C GLU A 28 -1.00 9.63 2.16
N GLY A 29 -1.45 9.95 3.36
CA GLY A 29 -1.17 9.11 4.50
C GLY A 29 -1.78 7.71 4.42
N CYS A 30 -2.00 7.21 3.19
CA CYS A 30 -2.57 5.87 3.02
C CYS A 30 -1.61 4.80 3.53
N PRO A 31 -2.09 3.88 4.36
CA PRO A 31 -1.26 2.81 4.91
C PRO A 31 -1.09 1.65 3.94
N PHE A 32 0.05 0.98 4.04
CA PHE A 32 0.41 -0.17 3.19
C PHE A 32 1.49 0.19 2.19
N LYS A 33 2.22 -0.81 1.73
CA LYS A 33 3.28 -0.59 0.75
C LYS A 33 2.73 -0.64 -0.66
N HIS A 34 2.50 0.54 -1.24
CA HIS A 34 1.96 0.62 -2.59
C HIS A 34 3.08 0.81 -3.60
N SER A 35 3.76 -0.28 -3.94
CA SER A 35 4.85 -0.24 -4.90
C SER A 35 4.55 -1.08 -6.13
N ASP A 36 4.23 -0.41 -7.23
CA ASP A 36 3.91 -1.11 -8.48
C ASP A 36 3.98 -0.14 -9.67
N ASN A 37 4.32 -0.68 -10.84
CA ASN A 37 4.41 0.12 -12.04
C ASN A 37 3.77 -0.60 -13.23
N THR A 38 2.59 -0.15 -13.62
CA THR A 38 1.87 -0.76 -14.74
C THR A 38 2.15 0.01 -16.03
N THR A 39 3.26 -0.31 -16.69
CA THR A 39 3.63 0.35 -17.93
C THR A 39 4.24 -0.65 -18.91
N ALA A 40 5.41 -1.16 -18.58
CA ALA A 40 6.10 -2.13 -19.44
C ALA A 40 5.46 -3.51 -19.32
N THR A 41 5.90 -4.44 -20.17
CA THR A 41 5.37 -5.79 -20.17
C THR A 41 5.97 -6.61 -19.02
ZN ZN B . -3.48 2.81 -0.23
N MET A 1 -4.83 -3.57 19.36
CA MET A 1 -3.44 -3.38 18.88
C MET A 1 -3.11 -1.90 18.70
N ASP A 2 -2.13 -1.41 19.44
CA ASP A 2 -1.72 -0.02 19.35
C ASP A 2 -0.38 0.12 18.65
N LYS A 3 0.47 -0.89 18.81
CA LYS A 3 1.79 -0.88 18.18
C LYS A 3 1.74 -1.52 16.79
N ILE A 4 2.17 -0.75 15.78
CA ILE A 4 2.17 -1.25 14.42
C ILE A 4 3.37 -0.70 13.65
N ASN A 5 4.39 -1.55 13.48
CA ASN A 5 5.59 -1.15 12.76
C ASN A 5 5.32 -1.15 11.25
N PRO A 6 5.94 -0.21 10.51
CA PRO A 6 5.76 -0.10 9.06
C PRO A 6 5.79 -1.47 8.36
N ASP A 7 6.43 -2.44 8.99
CA ASP A 7 6.53 -3.78 8.43
C ASP A 7 5.14 -4.42 8.27
N TRP A 8 4.17 -3.97 9.09
CA TRP A 8 2.82 -4.52 9.01
C TRP A 8 2.13 -4.08 7.73
N ALA A 9 2.13 -2.77 7.47
CA ALA A 9 1.51 -2.24 6.27
C ALA A 9 2.18 -2.78 5.02
N LYS A 10 3.50 -2.86 5.06
CA LYS A 10 4.27 -3.36 3.92
C LYS A 10 4.00 -4.85 3.69
N ASP A 11 3.38 -5.51 4.67
CA ASP A 11 3.08 -6.92 4.54
C ASP A 11 1.63 -7.15 4.12
N ILE A 12 0.86 -6.06 4.05
CA ILE A 12 -0.53 -6.14 3.67
C ILE A 12 -0.82 -5.22 2.47
N PRO A 13 -1.23 -5.80 1.33
CA PRO A 13 -1.52 -5.02 0.12
C PRO A 13 -2.78 -4.18 0.24
N CYS A 14 -2.66 -2.90 -0.10
CA CYS A 14 -3.78 -1.97 -0.04
C CYS A 14 -4.86 -2.36 -1.05
N ARG A 15 -6.12 -2.31 -0.62
CA ARG A 15 -7.22 -2.67 -1.51
C ARG A 15 -7.15 -1.88 -2.81
N ASN A 16 -6.45 -0.75 -2.79
CA ASN A 16 -6.29 0.08 -3.98
C ASN A 16 -5.54 -0.70 -5.05
N ILE A 17 -4.36 -1.17 -4.71
CA ILE A 17 -3.54 -1.94 -5.64
C ILE A 17 -4.18 -3.30 -5.94
N THR A 18 -4.95 -3.79 -4.98
CA THR A 18 -5.61 -5.09 -5.12
C THR A 18 -6.87 -5.01 -5.98
N ILE A 19 -7.67 -3.96 -5.77
CA ILE A 19 -8.91 -3.79 -6.51
C ILE A 19 -8.73 -2.85 -7.71
N TYR A 20 -8.22 -1.66 -7.44
CA TYR A 20 -8.03 -0.67 -8.49
C TYR A 20 -6.70 -0.85 -9.22
N GLY A 21 -5.83 -1.69 -8.68
CA GLY A 21 -4.53 -1.90 -9.29
C GLY A 21 -3.64 -0.67 -9.17
N TYR A 22 -4.11 0.32 -8.40
CA TYR A 22 -3.36 1.56 -8.20
C TYR A 22 -3.87 2.29 -6.97
N CYS A 23 -2.96 2.93 -6.24
CA CYS A 23 -3.34 3.68 -5.06
C CYS A 23 -2.96 5.15 -5.20
N LYS A 24 -3.77 5.91 -5.92
CA LYS A 24 -3.50 7.33 -6.12
C LYS A 24 -3.36 8.05 -4.78
N LYS A 25 -3.94 7.45 -3.74
CA LYS A 25 -3.87 8.01 -2.40
C LYS A 25 -2.59 7.59 -1.69
N GLU A 26 -1.76 6.79 -2.36
CA GLU A 26 -0.50 6.33 -1.79
C GLU A 26 0.33 7.52 -1.31
N LYS A 27 0.25 8.62 -2.05
CA LYS A 27 0.99 9.83 -1.70
C LYS A 27 0.42 10.45 -0.42
N GLU A 28 -0.75 9.99 -0.02
CA GLU A 28 -1.41 10.47 1.18
C GLU A 28 -1.10 9.54 2.35
N GLY A 29 -1.62 9.86 3.52
CA GLY A 29 -1.38 9.03 4.69
C GLY A 29 -1.95 7.62 4.57
N CYS A 30 -2.17 7.14 3.35
CA CYS A 30 -2.70 5.79 3.14
C CYS A 30 -1.69 4.74 3.61
N PRO A 31 -2.12 3.79 4.45
CA PRO A 31 -1.25 2.73 4.96
C PRO A 31 -1.08 1.58 3.98
N PHE A 32 0.06 0.90 4.06
CA PHE A 32 0.40 -0.25 3.21
C PHE A 32 1.48 0.12 2.20
N LYS A 33 2.24 -0.87 1.76
CA LYS A 33 3.28 -0.64 0.78
C LYS A 33 2.72 -0.67 -0.63
N HIS A 34 2.43 0.52 -1.17
CA HIS A 34 1.86 0.63 -2.50
C HIS A 34 2.97 0.76 -3.55
N SER A 35 3.57 -0.37 -3.89
CA SER A 35 4.65 -0.39 -4.88
C SER A 35 4.31 -1.34 -6.02
N ASP A 36 3.95 -0.77 -7.17
CA ASP A 36 3.60 -1.55 -8.35
C ASP A 36 4.34 -1.05 -9.58
N ASN A 37 4.28 0.27 -9.80
CA ASN A 37 4.94 0.87 -10.95
C ASN A 37 6.14 1.71 -10.51
N THR A 38 6.88 2.22 -11.48
CA THR A 38 8.06 3.04 -11.19
C THR A 38 7.67 4.52 -11.05
N THR A 39 8.67 5.36 -10.82
CA THR A 39 8.44 6.80 -10.66
C THR A 39 8.97 7.57 -11.87
N ALA A 40 8.37 8.71 -12.15
CA ALA A 40 8.77 9.54 -13.27
C ALA A 40 8.65 11.02 -12.94
N THR A 41 9.29 11.87 -13.74
CA THR A 41 9.25 13.30 -13.53
C THR A 41 8.81 14.03 -14.79
ZN ZN B . -3.57 2.82 -0.19
N MET A 1 -5.57 -2.54 18.12
CA MET A 1 -4.15 -2.40 17.66
C MET A 1 -3.74 -0.93 17.63
N ASP A 2 -2.96 -0.52 18.62
CA ASP A 2 -2.48 0.86 18.72
C ASP A 2 -1.07 0.99 18.16
N LYS A 3 -0.27 -0.05 18.37
CA LYS A 3 1.11 -0.06 17.90
C LYS A 3 1.25 -0.87 16.62
N ILE A 4 1.49 -0.19 15.51
CA ILE A 4 1.63 -0.85 14.21
C ILE A 4 2.89 -0.38 13.49
N ASN A 5 3.91 -1.23 13.46
CA ASN A 5 5.16 -0.89 12.79
C ASN A 5 4.99 -0.96 11.28
N PRO A 6 5.57 -0.02 10.52
CA PRO A 6 5.48 0.02 9.06
C PRO A 6 5.63 -1.36 8.42
N ASP A 7 6.30 -2.27 9.12
CA ASP A 7 6.51 -3.61 8.63
C ASP A 7 5.19 -4.34 8.40
N TRP A 8 4.14 -3.91 9.11
CA TRP A 8 2.83 -4.53 8.97
C TRP A 8 2.16 -4.14 7.65
N ALA A 9 2.11 -2.84 7.39
CA ALA A 9 1.50 -2.35 6.16
C ALA A 9 2.26 -2.85 4.94
N LYS A 10 3.57 -2.88 5.04
CA LYS A 10 4.41 -3.33 3.93
C LYS A 10 4.22 -4.82 3.68
N ASP A 11 3.58 -5.52 4.61
CA ASP A 11 3.34 -6.94 4.46
C ASP A 11 1.91 -7.22 3.99
N ILE A 12 1.09 -6.17 3.93
CA ILE A 12 -0.29 -6.30 3.50
C ILE A 12 -0.59 -5.37 2.33
N PRO A 13 -1.08 -5.91 1.19
CA PRO A 13 -1.40 -5.12 0.00
C PRO A 13 -2.66 -4.28 0.17
N CYS A 14 -2.54 -3.01 -0.18
CA CYS A 14 -3.66 -2.08 -0.08
C CYS A 14 -4.77 -2.46 -1.06
N ARG A 15 -6.01 -2.40 -0.59
CA ARG A 15 -7.15 -2.75 -1.43
C ARG A 15 -7.12 -1.94 -2.74
N ASN A 16 -6.42 -0.81 -2.71
CA ASN A 16 -6.30 0.03 -3.89
C ASN A 16 -5.60 -0.73 -5.01
N ILE A 17 -4.40 -1.21 -4.73
CA ILE A 17 -3.62 -1.97 -5.70
C ILE A 17 -4.29 -3.30 -6.01
N THR A 18 -5.02 -3.82 -5.03
CA THR A 18 -5.70 -5.11 -5.19
C THR A 18 -7.00 -4.98 -5.99
N ILE A 19 -7.77 -3.95 -5.71
CA ILE A 19 -9.05 -3.74 -6.39
C ILE A 19 -8.92 -2.77 -7.57
N TYR A 20 -8.39 -1.59 -7.30
CA TYR A 20 -8.24 -0.56 -8.31
C TYR A 20 -6.95 -0.73 -9.11
N GLY A 21 -6.06 -1.60 -8.63
CA GLY A 21 -4.79 -1.79 -9.32
C GLY A 21 -3.89 -0.57 -9.19
N TYR A 22 -4.33 0.40 -8.38
CA TYR A 22 -3.57 1.62 -8.19
C TYR A 22 -4.01 2.31 -6.89
N CYS A 23 -3.08 2.96 -6.21
CA CYS A 23 -3.41 3.68 -4.99
C CYS A 23 -3.03 5.15 -5.12
N LYS A 24 -3.89 5.91 -5.78
CA LYS A 24 -3.65 7.34 -5.98
C LYS A 24 -3.45 8.05 -4.63
N LYS A 25 -3.94 7.42 -3.57
CA LYS A 25 -3.82 7.99 -2.23
C LYS A 25 -2.52 7.55 -1.56
N GLU A 26 -1.73 6.73 -2.26
CA GLU A 26 -0.46 6.26 -1.72
C GLU A 26 0.41 7.43 -1.29
N LYS A 27 0.34 8.52 -2.05
CA LYS A 27 1.11 9.72 -1.72
C LYS A 27 0.62 10.34 -0.42
N GLU A 28 -0.57 9.91 0.01
CA GLU A 28 -1.16 10.40 1.25
C GLU A 28 -0.84 9.44 2.38
N GLY A 29 -1.31 9.76 3.58
CA GLY A 29 -1.05 8.90 4.72
C GLY A 29 -1.68 7.51 4.60
N CYS A 30 -1.91 7.04 3.38
CA CYS A 30 -2.50 5.72 3.17
C CYS A 30 -1.55 4.63 3.66
N PRO A 31 -2.06 3.64 4.42
CA PRO A 31 -1.26 2.54 4.94
C PRO A 31 -1.07 1.42 3.93
N PHE A 32 0.09 0.76 4.00
CA PHE A 32 0.47 -0.35 3.12
C PHE A 32 1.56 0.05 2.14
N LYS A 33 2.33 -0.93 1.68
CA LYS A 33 3.40 -0.67 0.73
C LYS A 33 2.86 -0.72 -0.69
N HIS A 34 2.54 0.44 -1.24
CA HIS A 34 2.01 0.53 -2.58
C HIS A 34 3.14 0.71 -3.60
N SER A 35 3.81 -0.39 -3.91
CA SER A 35 4.92 -0.36 -4.87
C SER A 35 4.41 -0.57 -6.29
N ASP A 36 4.29 0.52 -7.04
CA ASP A 36 3.81 0.45 -8.42
C ASP A 36 4.98 0.54 -9.40
N ASN A 37 5.55 -0.63 -9.73
CA ASN A 37 6.67 -0.68 -10.66
C ASN A 37 6.25 -1.28 -11.99
N THR A 38 6.22 -0.45 -13.03
CA THR A 38 5.83 -0.90 -14.36
C THR A 38 6.43 -0.01 -15.44
N THR A 39 7.57 -0.43 -15.99
CA THR A 39 8.24 0.33 -17.03
C THR A 39 7.90 -0.21 -18.41
N ALA A 40 6.64 -0.62 -18.59
CA ALA A 40 6.18 -1.15 -19.86
C ALA A 40 4.90 -0.46 -20.31
N THR A 41 4.76 0.81 -19.96
CA THR A 41 3.59 1.58 -20.34
C THR A 41 3.91 3.08 -20.39
ZN ZN B . -3.45 2.71 -0.15
N MET A 1 -5.01 -3.40 17.63
CA MET A 1 -3.52 -3.33 17.71
C MET A 1 -3.05 -1.93 18.05
N ASP A 2 -2.02 -1.84 18.88
CA ASP A 2 -1.47 -0.56 19.29
C ASP A 2 -0.08 -0.34 18.70
N LYS A 3 0.77 -1.35 18.83
CA LYS A 3 2.13 -1.28 18.30
C LYS A 3 2.20 -1.87 16.90
N ILE A 4 2.10 -1.02 15.89
CA ILE A 4 2.15 -1.46 14.50
C ILE A 4 3.31 -0.81 13.76
N ASN A 5 4.36 -1.59 13.49
CA ASN A 5 5.52 -1.09 12.78
C ASN A 5 5.24 -1.04 11.28
N PRO A 6 5.83 -0.07 10.57
CA PRO A 6 5.64 0.07 9.12
C PRO A 6 5.68 -1.26 8.38
N ASP A 7 6.34 -2.24 8.97
CA ASP A 7 6.46 -3.56 8.36
C ASP A 7 5.09 -4.23 8.23
N TRP A 8 4.15 -3.87 9.10
CA TRP A 8 2.81 -4.46 9.05
C TRP A 8 2.10 -4.09 7.76
N ALA A 9 2.06 -2.79 7.46
CA ALA A 9 1.41 -2.31 6.25
C ALA A 9 2.15 -2.82 5.02
N LYS A 10 3.46 -2.90 5.12
CA LYS A 10 4.27 -3.37 4.01
C LYS A 10 4.04 -4.85 3.73
N ASP A 11 3.40 -5.54 4.67
CA ASP A 11 3.12 -6.96 4.52
C ASP A 11 1.66 -7.18 4.13
N ILE A 12 0.90 -6.09 4.03
CA ILE A 12 -0.50 -6.17 3.67
C ILE A 12 -0.80 -5.28 2.45
N PRO A 13 -1.22 -5.89 1.32
CA PRO A 13 -1.53 -5.13 0.11
C PRO A 13 -2.77 -4.27 0.24
N CYS A 14 -2.65 -3.00 -0.14
CA CYS A 14 -3.76 -2.06 -0.07
C CYS A 14 -4.86 -2.44 -1.05
N ARG A 15 -6.10 -2.36 -0.60
CA ARG A 15 -7.24 -2.71 -1.44
C ARG A 15 -7.19 -1.94 -2.77
N ASN A 16 -6.47 -0.82 -2.77
CA ASN A 16 -6.31 0.00 -3.97
C ASN A 16 -5.58 -0.79 -5.05
N ILE A 17 -4.39 -1.25 -4.72
CA ILE A 17 -3.57 -2.02 -5.66
C ILE A 17 -4.25 -3.35 -5.98
N THR A 18 -5.04 -3.83 -5.02
CA THR A 18 -5.73 -5.11 -5.16
C THR A 18 -7.00 -4.98 -6.02
N ILE A 19 -7.79 -3.94 -5.78
CA ILE A 19 -9.02 -3.73 -6.51
C ILE A 19 -8.85 -2.78 -7.69
N TYR A 20 -8.32 -1.61 -7.43
CA TYR A 20 -8.11 -0.59 -8.46
C TYR A 20 -6.79 -0.78 -9.19
N GLY A 21 -5.94 -1.68 -8.68
CA GLY A 21 -4.66 -1.91 -9.31
C GLY A 21 -3.75 -0.69 -9.19
N TYR A 22 -4.20 0.31 -8.42
CA TYR A 22 -3.44 1.53 -8.22
C TYR A 22 -3.92 2.25 -6.96
N CYS A 23 -3.00 2.88 -6.25
CA CYS A 23 -3.37 3.62 -5.04
C CYS A 23 -2.96 5.08 -5.18
N LYS A 24 -3.78 5.85 -5.88
CA LYS A 24 -3.51 7.27 -6.08
C LYS A 24 -3.35 7.99 -4.74
N LYS A 25 -3.92 7.40 -3.69
CA LYS A 25 -3.84 7.97 -2.35
C LYS A 25 -2.55 7.55 -1.65
N GLU A 26 -1.74 6.73 -2.32
CA GLU A 26 -0.48 6.27 -1.74
C GLU A 26 0.37 7.47 -1.34
N LYS A 27 0.30 8.54 -2.12
CA LYS A 27 1.05 9.76 -1.82
C LYS A 27 0.53 10.40 -0.53
N GLU A 28 -0.65 9.96 -0.10
CA GLU A 28 -1.25 10.46 1.12
C GLU A 28 -0.95 9.51 2.27
N GLY A 29 -1.43 9.84 3.46
CA GLY A 29 -1.19 8.99 4.61
C GLY A 29 -1.81 7.60 4.50
N CYS A 30 -2.01 7.11 3.28
CA CYS A 30 -2.59 5.78 3.09
C CYS A 30 -1.64 4.71 3.58
N PRO A 31 -2.13 3.76 4.41
CA PRO A 31 -1.31 2.68 4.95
C PRO A 31 -1.12 1.55 3.94
N PHE A 32 0.04 0.87 4.05
CA PHE A 32 0.41 -0.25 3.19
C PHE A 32 1.50 0.15 2.21
N LYS A 33 2.27 -0.83 1.77
CA LYS A 33 3.35 -0.58 0.82
C LYS A 33 2.83 -0.66 -0.61
N HIS A 34 2.50 0.51 -1.16
CA HIS A 34 1.97 0.57 -2.52
C HIS A 34 3.11 0.76 -3.52
N SER A 35 3.80 -0.33 -3.85
CA SER A 35 4.91 -0.29 -4.79
C SER A 35 4.44 0.22 -6.15
N ASP A 36 5.37 0.77 -6.92
CA ASP A 36 5.06 1.28 -8.26
C ASP A 36 4.86 0.15 -9.25
N ASN A 37 3.59 -0.12 -9.56
CA ASN A 37 3.25 -1.18 -10.51
C ASN A 37 3.82 -0.88 -11.89
N THR A 38 3.90 0.40 -12.22
CA THR A 38 4.43 0.83 -13.51
C THR A 38 5.91 0.46 -13.65
N THR A 39 6.17 -0.77 -14.10
CA THR A 39 7.54 -1.24 -14.28
C THR A 39 7.87 -1.39 -15.76
N ALA A 40 7.05 -2.15 -16.47
CA ALA A 40 7.26 -2.37 -17.90
C ALA A 40 5.97 -2.80 -18.58
N THR A 41 5.53 -4.03 -18.29
CA THR A 41 4.31 -4.57 -18.88
C THR A 41 3.12 -4.37 -17.94
ZN ZN B . -3.51 2.72 -0.20
N MET A 1 -1.57 -6.15 18.18
CA MET A 1 -2.76 -5.96 19.04
C MET A 1 -2.95 -4.49 19.41
N ASP A 2 -1.84 -3.76 19.52
CA ASP A 2 -1.88 -2.35 19.86
C ASP A 2 -0.82 -1.57 19.09
N LYS A 3 0.39 -2.10 19.08
CA LYS A 3 1.51 -1.48 18.38
C LYS A 3 1.68 -2.05 16.98
N ILE A 4 1.70 -1.18 15.98
CA ILE A 4 1.86 -1.60 14.59
C ILE A 4 3.10 -0.99 13.97
N ASN A 5 4.08 -1.83 13.65
CA ASN A 5 5.33 -1.36 13.04
C ASN A 5 5.13 -1.20 11.54
N PRO A 6 5.78 -0.18 10.93
CA PRO A 6 5.67 0.08 9.49
C PRO A 6 5.74 -1.18 8.65
N ASP A 7 6.38 -2.22 9.18
CA ASP A 7 6.53 -3.48 8.48
C ASP A 7 5.17 -4.18 8.28
N TRP A 8 4.18 -3.80 9.09
CA TRP A 8 2.85 -4.40 8.99
C TRP A 8 2.17 -4.01 7.68
N ALA A 9 2.12 -2.71 7.41
CA ALA A 9 1.50 -2.22 6.19
C ALA A 9 2.23 -2.73 4.95
N LYS A 10 3.55 -2.75 5.04
CA LYS A 10 4.38 -3.23 3.92
C LYS A 10 4.19 -4.72 3.69
N ASP A 11 3.55 -5.41 4.63
CA ASP A 11 3.31 -6.83 4.48
C ASP A 11 1.87 -7.12 4.05
N ILE A 12 1.06 -6.07 3.97
CA ILE A 12 -0.33 -6.20 3.57
C ILE A 12 -0.64 -5.31 2.37
N PRO A 13 -1.15 -5.90 1.27
CA PRO A 13 -1.48 -5.14 0.05
C PRO A 13 -2.73 -4.28 0.23
N CYS A 14 -2.61 -3.01 -0.16
CA CYS A 14 -3.71 -2.07 -0.07
C CYS A 14 -4.83 -2.45 -1.03
N ARG A 15 -6.07 -2.36 -0.57
CA ARG A 15 -7.22 -2.70 -1.41
C ARG A 15 -7.18 -1.92 -2.72
N ASN A 16 -6.47 -0.80 -2.72
CA ASN A 16 -6.34 0.02 -3.92
C ASN A 16 -5.64 -0.76 -5.01
N ILE A 17 -4.44 -1.24 -4.71
CA ILE A 17 -3.66 -2.02 -5.67
C ILE A 17 -4.35 -3.35 -5.96
N THR A 18 -5.10 -3.82 -4.98
CA THR A 18 -5.81 -5.10 -5.10
C THR A 18 -7.09 -4.97 -5.93
N ILE A 19 -7.88 -3.93 -5.67
CA ILE A 19 -9.14 -3.72 -6.37
C ILE A 19 -8.98 -2.80 -7.56
N TYR A 20 -8.44 -1.62 -7.31
CA TYR A 20 -8.25 -0.61 -8.36
C TYR A 20 -6.95 -0.83 -9.13
N GLY A 21 -6.08 -1.71 -8.63
CA GLY A 21 -4.82 -1.94 -9.30
C GLY A 21 -3.90 -0.74 -9.20
N TYR A 22 -4.33 0.26 -8.43
CA TYR A 22 -3.54 1.49 -8.25
C TYR A 22 -4.00 2.23 -7.00
N CYS A 23 -3.05 2.83 -6.29
CA CYS A 23 -3.39 3.59 -5.10
C CYS A 23 -2.95 5.04 -5.24
N LYS A 24 -3.74 5.83 -5.95
CA LYS A 24 -3.42 7.24 -6.16
C LYS A 24 -3.24 7.96 -4.83
N LYS A 25 -3.84 7.39 -3.77
CA LYS A 25 -3.75 7.97 -2.44
C LYS A 25 -2.45 7.54 -1.75
N GLU A 26 -1.65 6.71 -2.43
CA GLU A 26 -0.39 6.24 -1.87
C GLU A 26 0.47 7.42 -1.41
N LYS A 27 0.40 8.51 -2.16
CA LYS A 27 1.17 9.72 -1.83
C LYS A 27 0.62 10.36 -0.54
N GLU A 28 -0.56 9.91 -0.12
CA GLU A 28 -1.20 10.41 1.08
C GLU A 28 -0.91 9.48 2.24
N GLY A 29 -1.40 9.82 3.42
CA GLY A 29 -1.17 8.99 4.59
C GLY A 29 -1.79 7.60 4.49
N CYS A 30 -1.99 7.10 3.27
CA CYS A 30 -2.57 5.78 3.09
C CYS A 30 -1.62 4.69 3.61
N PRO A 31 -2.15 3.74 4.39
CA PRO A 31 -1.33 2.65 4.94
C PRO A 31 -1.14 1.51 3.95
N PHE A 32 0.03 0.87 4.03
CA PHE A 32 0.41 -0.26 3.18
C PHE A 32 1.48 0.16 2.18
N LYS A 33 2.23 -0.83 1.69
CA LYS A 33 3.28 -0.55 0.71
C LYS A 33 2.72 -0.61 -0.69
N HIS A 34 2.55 0.56 -1.30
CA HIS A 34 2.01 0.65 -2.64
C HIS A 34 3.13 0.88 -3.66
N SER A 35 3.84 -0.18 -3.99
CA SER A 35 4.94 -0.10 -4.96
C SER A 35 4.45 0.40 -6.31
N ASP A 36 5.17 1.36 -6.88
CA ASP A 36 4.81 1.93 -8.17
C ASP A 36 5.58 1.25 -9.30
N ASN A 37 4.87 0.48 -10.12
CA ASN A 37 5.48 -0.22 -11.25
C ASN A 37 6.53 -1.23 -10.76
N THR A 38 6.32 -2.49 -11.10
CA THR A 38 7.24 -3.55 -10.70
C THR A 38 8.02 -4.08 -11.90
N THR A 39 9.23 -4.55 -11.65
CA THR A 39 10.08 -5.09 -12.71
C THR A 39 10.49 -6.53 -12.41
N ALA A 40 10.85 -6.78 -11.16
CA ALA A 40 11.25 -8.12 -10.74
C ALA A 40 10.14 -9.14 -10.99
N THR A 41 10.43 -10.14 -11.79
CA THR A 41 9.46 -11.18 -12.11
C THR A 41 9.30 -12.16 -10.95
ZN ZN B . -3.47 2.72 -0.23
N MET A 1 -3.04 -4.42 16.94
CA MET A 1 -2.95 -3.64 18.20
C MET A 1 -2.54 -2.20 17.93
N ASP A 2 -2.46 -1.41 18.99
CA ASP A 2 -2.07 0.00 18.88
C ASP A 2 -0.66 0.13 18.32
N LYS A 3 0.23 -0.75 18.77
CA LYS A 3 1.61 -0.74 18.33
C LYS A 3 1.77 -1.50 17.02
N ILE A 4 1.99 -0.76 15.93
CA ILE A 4 2.16 -1.37 14.62
C ILE A 4 3.45 -0.91 13.95
N ASN A 5 4.32 -1.86 13.64
CA ASN A 5 5.59 -1.56 12.98
C ASN A 5 5.37 -1.37 11.48
N PRO A 6 6.04 -0.37 10.88
CA PRO A 6 5.90 -0.08 9.45
C PRO A 6 5.89 -1.34 8.58
N ASP A 7 6.49 -2.41 9.10
CA ASP A 7 6.54 -3.67 8.36
C ASP A 7 5.16 -4.30 8.21
N TRP A 8 4.22 -3.90 9.05
CA TRP A 8 2.86 -4.44 8.99
C TRP A 8 2.17 -4.02 7.70
N ALA A 9 2.17 -2.72 7.42
CA ALA A 9 1.54 -2.20 6.23
C ALA A 9 2.22 -2.74 4.98
N LYS A 10 3.54 -2.84 5.03
CA LYS A 10 4.31 -3.35 3.90
C LYS A 10 4.04 -4.83 3.67
N ASP A 11 3.40 -5.48 4.64
CA ASP A 11 3.09 -6.91 4.51
C ASP A 11 1.63 -7.11 4.10
N ILE A 12 0.88 -6.02 4.04
CA ILE A 12 -0.53 -6.08 3.65
C ILE A 12 -0.81 -5.17 2.45
N PRO A 13 -1.22 -5.75 1.31
CA PRO A 13 -1.51 -4.98 0.10
C PRO A 13 -2.77 -4.12 0.23
N CYS A 14 -2.64 -2.85 -0.13
CA CYS A 14 -3.75 -1.91 -0.07
C CYS A 14 -4.84 -2.31 -1.06
N ARG A 15 -6.10 -2.24 -0.63
CA ARG A 15 -7.22 -2.59 -1.49
C ARG A 15 -7.15 -1.83 -2.81
N ASN A 16 -6.46 -0.70 -2.80
CA ASN A 16 -6.29 0.11 -4.01
C ASN A 16 -5.57 -0.68 -5.07
N ILE A 17 -4.39 -1.18 -4.72
CA ILE A 17 -3.58 -1.96 -5.64
C ILE A 17 -4.22 -3.32 -5.92
N THR A 18 -4.98 -3.80 -4.95
CA THR A 18 -5.65 -5.10 -5.07
C THR A 18 -6.92 -5.01 -5.92
N ILE A 19 -7.70 -3.95 -5.73
CA ILE A 19 -8.96 -3.78 -6.47
C ILE A 19 -8.78 -2.85 -7.67
N TYR A 20 -8.25 -1.66 -7.42
CA TYR A 20 -8.06 -0.68 -8.47
C TYR A 20 -6.73 -0.88 -9.21
N GLY A 21 -5.86 -1.72 -8.66
CA GLY A 21 -4.57 -1.94 -9.28
C GLY A 21 -3.66 -0.72 -9.16
N TYR A 22 -4.12 0.28 -8.42
CA TYR A 22 -3.36 1.51 -8.22
C TYR A 22 -3.87 2.25 -6.99
N CYS A 23 -2.96 2.90 -6.27
CA CYS A 23 -3.34 3.66 -5.09
C CYS A 23 -2.93 5.12 -5.24
N LYS A 24 -3.74 5.88 -5.98
CA LYS A 24 -3.47 7.30 -6.19
C LYS A 24 -3.34 8.03 -4.86
N LYS A 25 -3.92 7.44 -3.81
CA LYS A 25 -3.87 8.04 -2.47
C LYS A 25 -2.61 7.61 -1.72
N GLU A 26 -1.78 6.79 -2.36
CA GLU A 26 -0.53 6.33 -1.74
C GLU A 26 0.30 7.52 -1.26
N LYS A 27 0.27 8.60 -2.05
CA LYS A 27 1.00 9.81 -1.69
C LYS A 27 0.42 10.43 -0.42
N GLU A 28 -0.78 10.00 -0.06
CA GLU A 28 -1.46 10.49 1.13
C GLU A 28 -1.16 9.56 2.29
N GLY A 29 -1.71 9.88 3.46
CA GLY A 29 -1.47 9.05 4.63
C GLY A 29 -2.02 7.62 4.50
N CYS A 30 -2.22 7.16 3.26
CA CYS A 30 -2.72 5.79 3.06
C CYS A 30 -1.69 4.76 3.52
N PRO A 31 -2.12 3.82 4.38
CA PRO A 31 -1.22 2.78 4.89
C PRO A 31 -1.06 1.62 3.91
N PHE A 32 0.09 0.95 4.02
CA PHE A 32 0.43 -0.21 3.16
C PHE A 32 1.49 0.15 2.14
N LYS A 33 2.24 -0.85 1.71
CA LYS A 33 3.30 -0.64 0.72
C LYS A 33 2.72 -0.69 -0.69
N HIS A 34 2.42 0.48 -1.23
CA HIS A 34 1.86 0.58 -2.57
C HIS A 34 2.97 0.70 -3.61
N SER A 35 3.58 -0.44 -3.94
CA SER A 35 4.65 -0.48 -4.93
C SER A 35 4.15 -1.02 -6.27
N ASP A 36 4.69 -0.49 -7.36
CA ASP A 36 4.30 -0.94 -8.69
C ASP A 36 4.96 -2.26 -9.04
N ASN A 37 4.31 -3.03 -9.91
CA ASN A 37 4.83 -4.32 -10.34
C ASN A 37 4.29 -4.70 -11.71
N THR A 38 5.19 -4.80 -12.69
CA THR A 38 4.80 -5.16 -14.04
C THR A 38 5.36 -6.52 -14.44
N THR A 39 4.70 -7.17 -15.38
CA THR A 39 5.13 -8.50 -15.84
C THR A 39 6.50 -8.42 -16.50
N ALA A 40 6.91 -7.22 -16.91
CA ALA A 40 8.20 -7.02 -17.56
C ALA A 40 8.23 -7.69 -18.93
N THR A 41 7.95 -6.90 -19.96
CA THR A 41 7.95 -7.41 -21.33
C THR A 41 9.16 -6.90 -22.10
ZN ZN B . -3.51 2.87 -0.26
N MET A 1 -3.06 -4.20 21.20
CA MET A 1 -2.76 -3.95 19.77
C MET A 1 -3.30 -2.59 19.32
N ASP A 2 -2.43 -1.59 19.28
CA ASP A 2 -2.82 -0.25 18.87
C ASP A 2 -1.78 0.37 17.94
N LYS A 3 -0.52 0.26 18.35
CA LYS A 3 0.59 0.80 17.56
C LYS A 3 1.32 -0.31 16.83
N ILE A 4 1.44 -0.17 15.51
CA ILE A 4 2.11 -1.18 14.70
C ILE A 4 3.26 -0.55 13.89
N ASN A 5 4.24 -1.37 13.54
CA ASN A 5 5.41 -0.90 12.79
C ASN A 5 5.15 -0.97 11.29
N PRO A 6 5.63 0.02 10.52
CA PRO A 6 5.43 0.07 9.07
C PRO A 6 5.63 -1.28 8.40
N ASP A 7 6.42 -2.15 9.01
CA ASP A 7 6.66 -3.47 8.45
C ASP A 7 5.35 -4.24 8.29
N TRP A 8 4.32 -3.81 9.01
CA TRP A 8 3.01 -4.46 8.95
C TRP A 8 2.28 -4.11 7.66
N ALA A 9 2.20 -2.83 7.36
CA ALA A 9 1.53 -2.36 6.16
C ALA A 9 2.21 -2.88 4.91
N LYS A 10 3.53 -3.03 4.97
CA LYS A 10 4.30 -3.52 3.84
C LYS A 10 3.97 -4.98 3.54
N ASP A 11 3.40 -5.68 4.51
CA ASP A 11 3.03 -7.08 4.33
C ASP A 11 1.56 -7.22 4.00
N ILE A 12 0.85 -6.10 3.93
CA ILE A 12 -0.58 -6.11 3.62
C ILE A 12 -0.88 -5.23 2.41
N PRO A 13 -1.12 -5.82 1.23
CA PRO A 13 -1.43 -5.07 0.02
C PRO A 13 -2.68 -4.22 0.17
N CYS A 14 -2.57 -2.95 -0.21
CA CYS A 14 -3.70 -2.02 -0.12
C CYS A 14 -4.80 -2.42 -1.08
N ARG A 15 -6.04 -2.37 -0.61
CA ARG A 15 -7.19 -2.73 -1.44
C ARG A 15 -7.16 -1.96 -2.75
N ASN A 16 -6.53 -0.80 -2.74
CA ASN A 16 -6.41 0.02 -3.94
C ASN A 16 -5.62 -0.71 -5.00
N ILE A 17 -4.43 -1.17 -4.63
CA ILE A 17 -3.57 -1.89 -5.55
C ILE A 17 -4.19 -3.24 -5.91
N THR A 18 -4.94 -3.80 -4.98
CA THR A 18 -5.58 -5.10 -5.16
C THR A 18 -6.86 -5.01 -6.02
N ILE A 19 -7.65 -3.97 -5.77
CA ILE A 19 -8.91 -3.79 -6.49
C ILE A 19 -8.76 -2.83 -7.67
N TYR A 20 -8.25 -1.65 -7.40
CA TYR A 20 -8.07 -0.63 -8.44
C TYR A 20 -6.75 -0.80 -9.18
N GLY A 21 -5.86 -1.63 -8.66
CA GLY A 21 -4.58 -1.82 -9.30
C GLY A 21 -3.70 -0.59 -9.18
N TYR A 22 -4.17 0.38 -8.39
CA TYR A 22 -3.45 1.63 -8.20
C TYR A 22 -3.93 2.33 -6.93
N CYS A 23 -3.01 2.97 -6.21
CA CYS A 23 -3.37 3.71 -5.01
C CYS A 23 -3.00 5.18 -5.15
N LYS A 24 -3.84 5.94 -5.84
CA LYS A 24 -3.59 7.36 -6.04
C LYS A 24 -3.41 8.08 -4.72
N LYS A 25 -3.93 7.50 -3.65
CA LYS A 25 -3.82 8.08 -2.32
C LYS A 25 -2.56 7.61 -1.61
N GLU A 26 -1.74 6.80 -2.29
CA GLU A 26 -0.50 6.29 -1.70
C GLU A 26 0.36 7.45 -1.22
N LYS A 27 0.34 8.55 -1.97
CA LYS A 27 1.11 9.74 -1.60
C LYS A 27 0.56 10.35 -0.32
N GLU A 28 -0.64 9.92 0.06
CA GLU A 28 -1.29 10.40 1.27
C GLU A 28 -0.99 9.45 2.42
N GLY A 29 -1.50 9.76 3.60
CA GLY A 29 -1.27 8.92 4.76
C GLY A 29 -1.85 7.51 4.61
N CYS A 30 -2.07 7.05 3.38
CA CYS A 30 -2.61 5.72 3.16
C CYS A 30 -1.62 4.65 3.60
N PRO A 31 -2.02 3.75 4.51
CA PRO A 31 -1.15 2.69 4.99
C PRO A 31 -1.03 1.54 3.99
N PHE A 32 0.12 0.86 4.04
CA PHE A 32 0.44 -0.28 3.16
C PHE A 32 1.51 0.09 2.16
N LYS A 33 2.26 -0.92 1.71
CA LYS A 33 3.32 -0.69 0.74
C LYS A 33 2.75 -0.75 -0.68
N HIS A 34 2.46 0.42 -1.23
CA HIS A 34 1.89 0.52 -2.57
C HIS A 34 2.99 0.64 -3.62
N SER A 35 3.60 -0.50 -3.96
CA SER A 35 4.67 -0.51 -4.96
C SER A 35 4.23 -1.27 -6.21
N ASP A 36 4.22 -0.58 -7.34
CA ASP A 36 3.81 -1.18 -8.60
C ASP A 36 5.03 -1.69 -9.38
N ASN A 37 5.97 -0.78 -9.64
CA ASN A 37 7.19 -1.15 -10.38
C ASN A 37 8.34 -0.23 -9.99
N THR A 38 8.68 -0.22 -8.70
CA THR A 38 9.77 0.60 -8.20
C THR A 38 10.81 -0.25 -7.47
N THR A 39 10.99 -1.48 -7.94
CA THR A 39 11.95 -2.40 -7.34
C THR A 39 12.38 -3.47 -8.34
N ALA A 40 13.63 -3.89 -8.25
CA ALA A 40 14.16 -4.91 -9.14
C ALA A 40 14.16 -6.28 -8.47
N THR A 41 14.38 -7.32 -9.26
CA THR A 41 14.41 -8.68 -8.74
C THR A 41 15.54 -9.49 -9.38
ZN ZN B . -3.50 2.77 -0.21
N MET A 1 -3.83 -0.90 16.16
CA MET A 1 -3.23 -0.35 17.40
C MET A 1 -2.39 0.89 17.10
N ASP A 2 -2.12 1.68 18.13
CA ASP A 2 -1.34 2.89 17.99
C ASP A 2 0.10 2.57 17.56
N LYS A 3 0.59 1.41 17.99
CA LYS A 3 1.94 0.99 17.64
C LYS A 3 1.92 0.00 16.48
N ILE A 4 2.22 0.48 15.28
CA ILE A 4 2.24 -0.36 14.10
C ILE A 4 3.46 -0.05 13.23
N ASN A 5 4.43 -0.96 13.24
CA ASN A 5 5.64 -0.78 12.46
C ASN A 5 5.35 -0.99 10.97
N PRO A 6 5.94 -0.14 10.10
CA PRO A 6 5.73 -0.25 8.65
C PRO A 6 5.77 -1.69 8.15
N ASP A 7 6.46 -2.56 8.89
CA ASP A 7 6.56 -3.96 8.51
C ASP A 7 5.19 -4.61 8.39
N TRP A 8 4.19 -4.03 9.07
CA TRP A 8 2.83 -4.57 9.03
C TRP A 8 2.13 -4.17 7.73
N ALA A 9 2.12 -2.87 7.44
CA ALA A 9 1.48 -2.37 6.24
C ALA A 9 2.16 -2.91 4.99
N LYS A 10 3.47 -3.03 5.05
CA LYS A 10 4.24 -3.54 3.92
C LYS A 10 3.95 -5.01 3.67
N ASP A 11 3.31 -5.68 4.63
CA ASP A 11 2.97 -7.08 4.49
C ASP A 11 1.50 -7.26 4.10
N ILE A 12 0.77 -6.16 4.04
CA ILE A 12 -0.64 -6.20 3.68
C ILE A 12 -0.92 -5.29 2.48
N PRO A 13 -1.36 -5.87 1.34
CA PRO A 13 -1.66 -5.12 0.12
C PRO A 13 -2.89 -4.24 0.26
N CYS A 14 -2.75 -2.98 -0.14
CA CYS A 14 -3.85 -2.02 -0.08
C CYS A 14 -4.95 -2.40 -1.07
N ARG A 15 -6.20 -2.31 -0.64
CA ARG A 15 -7.33 -2.65 -1.50
C ARG A 15 -7.25 -1.89 -2.82
N ASN A 16 -6.58 -0.74 -2.80
CA ASN A 16 -6.40 0.07 -3.99
C ASN A 16 -5.58 -0.68 -5.02
N ILE A 17 -4.42 -1.16 -4.59
CA ILE A 17 -3.53 -1.91 -5.48
C ILE A 17 -4.15 -3.25 -5.84
N THR A 18 -4.93 -3.79 -4.92
CA THR A 18 -5.58 -5.09 -5.12
C THR A 18 -6.83 -4.99 -6.01
N ILE A 19 -7.63 -3.94 -5.80
CA ILE A 19 -8.86 -3.77 -6.56
C ILE A 19 -8.68 -2.79 -7.73
N TYR A 20 -8.14 -1.62 -7.46
CA TYR A 20 -7.94 -0.61 -8.49
C TYR A 20 -6.63 -0.82 -9.23
N GLY A 21 -5.74 -1.65 -8.67
CA GLY A 21 -4.46 -1.87 -9.29
C GLY A 21 -3.56 -0.66 -9.18
N TYR A 22 -4.02 0.34 -8.41
CA TYR A 22 -3.28 1.57 -8.20
C TYR A 22 -3.78 2.29 -6.95
N CYS A 23 -2.88 2.94 -6.23
CA CYS A 23 -3.26 3.68 -5.04
C CYS A 23 -2.88 5.15 -5.18
N LYS A 24 -3.70 5.90 -5.90
CA LYS A 24 -3.44 7.32 -6.11
C LYS A 24 -3.29 8.05 -4.78
N LYS A 25 -3.85 7.48 -3.73
CA LYS A 25 -3.77 8.07 -2.39
C LYS A 25 -2.56 7.55 -1.63
N GLU A 26 -1.68 6.82 -2.32
CA GLU A 26 -0.48 6.28 -1.69
C GLU A 26 0.36 7.42 -1.11
N LYS A 27 0.39 8.55 -1.81
CA LYS A 27 1.15 9.70 -1.36
C LYS A 27 0.51 10.31 -0.12
N GLU A 28 -0.71 9.88 0.19
CA GLU A 28 -1.43 10.36 1.36
C GLU A 28 -1.20 9.40 2.52
N GLY A 29 -1.79 9.71 3.67
CA GLY A 29 -1.61 8.87 4.84
C GLY A 29 -2.14 7.44 4.65
N CYS A 30 -2.30 7.00 3.40
CA CYS A 30 -2.80 5.66 3.14
C CYS A 30 -1.78 4.62 3.60
N PRO A 31 -2.18 3.68 4.47
CA PRO A 31 -1.30 2.63 4.98
C PRO A 31 -1.12 1.49 3.99
N PHE A 32 0.02 0.81 4.10
CA PHE A 32 0.39 -0.33 3.24
C PHE A 32 1.47 0.05 2.24
N LYS A 33 2.24 -0.94 1.81
CA LYS A 33 3.31 -0.70 0.85
C LYS A 33 2.76 -0.71 -0.57
N HIS A 34 2.46 0.47 -1.09
CA HIS A 34 1.93 0.60 -2.44
C HIS A 34 3.06 0.75 -3.46
N SER A 35 3.69 -0.38 -3.81
CA SER A 35 4.79 -0.37 -4.77
C SER A 35 4.26 -0.18 -6.19
N ASP A 36 5.14 0.26 -7.09
CA ASP A 36 4.77 0.48 -8.48
C ASP A 36 3.67 1.54 -8.59
N ASN A 37 3.51 2.08 -9.79
CA ASN A 37 2.49 3.10 -10.02
C ASN A 37 2.75 4.34 -9.17
N THR A 38 2.28 5.49 -9.65
CA THR A 38 2.45 6.74 -8.92
C THR A 38 1.41 7.77 -9.35
N THR A 39 1.51 8.22 -10.60
CA THR A 39 0.58 9.20 -11.13
C THR A 39 -0.23 8.62 -12.29
N ALA A 40 -1.48 8.27 -12.01
CA ALA A 40 -2.35 7.69 -13.03
C ALA A 40 -3.19 8.78 -13.71
N THR A 41 -4.11 8.36 -14.56
CA THR A 41 -4.98 9.29 -15.27
C THR A 41 -6.45 9.04 -14.93
ZN ZN B . -3.53 2.76 -0.24
N MET A 1 -5.33 -1.11 18.99
CA MET A 1 -4.92 -0.49 17.70
C MET A 1 -4.17 0.82 17.95
N ASP A 2 -2.84 0.76 17.84
CA ASP A 2 -2.01 1.94 18.05
C ASP A 2 -0.54 1.62 17.79
N LYS A 3 -0.12 0.44 18.22
CA LYS A 3 1.26 0.01 18.04
C LYS A 3 1.40 -0.85 16.79
N ILE A 4 1.76 -0.22 15.67
CA ILE A 4 1.93 -0.93 14.41
C ILE A 4 3.25 -0.56 13.74
N ASN A 5 4.11 -1.55 13.55
CA ASN A 5 5.39 -1.32 12.91
C ASN A 5 5.23 -1.21 11.41
N PRO A 6 5.90 -0.24 10.75
CA PRO A 6 5.80 -0.04 9.31
C PRO A 6 5.86 -1.34 8.52
N ASP A 7 6.47 -2.37 9.12
CA ASP A 7 6.59 -3.66 8.47
C ASP A 7 5.23 -4.35 8.32
N TRP A 8 4.22 -3.85 9.02
CA TRP A 8 2.89 -4.45 8.95
C TRP A 8 2.19 -4.06 7.65
N ALA A 9 2.14 -2.76 7.37
CA ALA A 9 1.51 -2.28 6.16
C ALA A 9 2.23 -2.79 4.92
N LYS A 10 3.55 -2.85 4.99
CA LYS A 10 4.35 -3.33 3.87
C LYS A 10 4.13 -4.82 3.62
N ASP A 11 3.49 -5.50 4.57
CA ASP A 11 3.22 -6.92 4.43
C ASP A 11 1.77 -7.18 4.02
N ILE A 12 0.98 -6.11 3.95
CA ILE A 12 -0.43 -6.22 3.57
C ILE A 12 -0.74 -5.32 2.38
N PRO A 13 -1.25 -5.91 1.28
CA PRO A 13 -1.59 -5.16 0.06
C PRO A 13 -2.83 -4.29 0.23
N CYS A 14 -2.70 -3.02 -0.17
CA CYS A 14 -3.80 -2.07 -0.08
C CYS A 14 -4.92 -2.45 -1.04
N ARG A 15 -6.16 -2.34 -0.57
CA ARG A 15 -7.31 -2.68 -1.40
C ARG A 15 -7.26 -1.92 -2.72
N ASN A 16 -6.58 -0.79 -2.73
CA ASN A 16 -6.44 0.02 -3.93
C ASN A 16 -5.68 -0.75 -5.00
N ILE A 17 -4.49 -1.21 -4.64
CA ILE A 17 -3.66 -1.98 -5.58
C ILE A 17 -4.33 -3.31 -5.90
N THR A 18 -5.11 -3.82 -4.95
CA THR A 18 -5.79 -5.10 -5.12
C THR A 18 -7.06 -4.98 -5.98
N ILE A 19 -7.84 -3.92 -5.75
CA ILE A 19 -9.08 -3.71 -6.49
C ILE A 19 -8.90 -2.78 -7.68
N TYR A 20 -8.36 -1.60 -7.42
CA TYR A 20 -8.15 -0.60 -8.45
C TYR A 20 -6.83 -0.82 -9.20
N GLY A 21 -5.97 -1.67 -8.66
CA GLY A 21 -4.69 -1.92 -9.30
C GLY A 21 -3.77 -0.72 -9.19
N TYR A 22 -4.21 0.29 -8.44
CA TYR A 22 -3.45 1.52 -8.24
C TYR A 22 -3.91 2.26 -7.00
N CYS A 23 -2.98 2.84 -6.27
CA CYS A 23 -3.34 3.60 -5.07
C CYS A 23 -2.88 5.05 -5.18
N LYS A 24 -3.64 5.85 -5.92
CA LYS A 24 -3.31 7.26 -6.10
C LYS A 24 -3.19 7.96 -4.76
N LYS A 25 -3.80 7.37 -3.73
CA LYS A 25 -3.76 7.94 -2.39
C LYS A 25 -2.49 7.54 -1.64
N GLU A 26 -1.67 6.69 -2.27
CA GLU A 26 -0.43 6.25 -1.65
C GLU A 26 0.40 7.44 -1.20
N LYS A 27 0.38 8.51 -1.99
CA LYS A 27 1.12 9.72 -1.66
C LYS A 27 0.56 10.35 -0.39
N GLU A 28 -0.66 9.92 -0.01
CA GLU A 28 -1.32 10.42 1.19
C GLU A 28 -1.04 9.48 2.35
N GLY A 29 -1.56 9.80 3.51
CA GLY A 29 -1.34 8.96 4.68
C GLY A 29 -1.93 7.56 4.54
N CYS A 30 -2.12 7.08 3.32
CA CYS A 30 -2.66 5.73 3.10
C CYS A 30 -1.68 4.67 3.60
N PRO A 31 -2.18 3.69 4.37
CA PRO A 31 -1.35 2.62 4.91
C PRO A 31 -1.14 1.48 3.91
N PHE A 32 0.03 0.84 4.00
CA PHE A 32 0.43 -0.29 3.14
C PHE A 32 1.50 0.14 2.16
N LYS A 33 2.29 -0.84 1.70
CA LYS A 33 3.35 -0.57 0.75
C LYS A 33 2.84 -0.61 -0.68
N HIS A 34 2.53 0.55 -1.23
CA HIS A 34 2.01 0.64 -2.59
C HIS A 34 3.15 0.90 -3.57
N SER A 35 3.88 -0.17 -3.91
CA SER A 35 5.00 -0.06 -4.84
C SER A 35 4.52 -0.24 -6.28
N ASP A 36 4.58 0.85 -7.05
CA ASP A 36 4.15 0.81 -8.45
C ASP A 36 5.35 0.97 -9.38
N ASN A 37 6.14 -0.09 -9.50
CA ASN A 37 7.32 -0.07 -10.36
C ASN A 37 7.95 -1.45 -10.45
N THR A 38 8.53 -1.76 -11.61
CA THR A 38 9.18 -3.06 -11.82
C THR A 38 10.58 -3.07 -11.22
N THR A 39 10.65 -2.97 -9.89
CA THR A 39 11.93 -2.97 -9.20
C THR A 39 12.55 -4.37 -9.19
N ALA A 40 13.87 -4.42 -9.07
CA ALA A 40 14.58 -5.70 -9.04
C ALA A 40 14.75 -6.20 -7.62
N THR A 41 15.19 -5.33 -6.73
CA THR A 41 15.41 -5.68 -5.33
C THR A 41 14.25 -5.19 -4.46
ZN ZN B . -3.49 2.71 -0.23
N MET A 1 -5.38 -3.09 18.88
CA MET A 1 -4.49 -3.12 17.69
C MET A 1 -4.39 -1.73 17.05
N ASP A 2 -3.37 -0.98 17.45
CA ASP A 2 -3.17 0.36 16.92
C ASP A 2 -1.68 0.64 16.72
N LYS A 3 -0.89 0.32 17.73
CA LYS A 3 0.56 0.53 17.68
C LYS A 3 1.24 -0.58 16.89
N ILE A 4 1.62 -0.28 15.65
CA ILE A 4 2.27 -1.27 14.80
C ILE A 4 3.41 -0.63 14.00
N ASN A 5 4.38 -1.45 13.61
CA ASN A 5 5.54 -0.97 12.85
C ASN A 5 5.26 -1.03 11.35
N PRO A 6 5.70 -0.01 10.58
CA PRO A 6 5.48 0.05 9.14
C PRO A 6 5.67 -1.29 8.44
N ASP A 7 6.47 -2.17 9.04
CA ASP A 7 6.70 -3.49 8.46
C ASP A 7 5.38 -4.25 8.29
N TRP A 8 4.36 -3.83 9.04
CA TRP A 8 3.05 -4.48 8.98
C TRP A 8 2.32 -4.12 7.70
N ALA A 9 2.24 -2.83 7.41
CA ALA A 9 1.56 -2.34 6.22
C ALA A 9 2.22 -2.86 4.95
N LYS A 10 3.55 -2.99 5.00
CA LYS A 10 4.30 -3.47 3.86
C LYS A 10 3.99 -4.94 3.56
N ASP A 11 3.40 -5.63 4.53
CA ASP A 11 3.05 -7.04 4.34
C ASP A 11 1.58 -7.19 4.01
N ILE A 12 0.85 -6.09 3.95
CA ILE A 12 -0.57 -6.11 3.64
C ILE A 12 -0.90 -5.21 2.44
N PRO A 13 -1.16 -5.81 1.27
CA PRO A 13 -1.48 -5.06 0.05
C PRO A 13 -2.74 -4.20 0.20
N CYS A 14 -2.63 -2.94 -0.17
CA CYS A 14 -3.75 -2.01 -0.09
C CYS A 14 -4.83 -2.39 -1.09
N ARG A 15 -6.09 -2.33 -0.65
CA ARG A 15 -7.21 -2.67 -1.51
C ARG A 15 -7.16 -1.88 -2.82
N ASN A 16 -6.47 -0.74 -2.79
CA ASN A 16 -6.32 0.09 -3.98
C ASN A 16 -5.60 -0.68 -5.08
N ILE A 17 -4.43 -1.19 -4.73
CA ILE A 17 -3.62 -1.96 -5.68
C ILE A 17 -4.28 -3.30 -5.97
N THR A 18 -5.04 -3.81 -5.01
CA THR A 18 -5.71 -5.10 -5.16
C THR A 18 -6.98 -4.99 -6.00
N ILE A 19 -7.75 -3.94 -5.78
CA ILE A 19 -9.00 -3.74 -6.51
C ILE A 19 -8.83 -2.80 -7.70
N TYR A 20 -8.29 -1.63 -7.44
CA TYR A 20 -8.09 -0.62 -8.48
C TYR A 20 -6.78 -0.83 -9.23
N GLY A 21 -5.90 -1.67 -8.68
CA GLY A 21 -4.61 -1.90 -9.31
C GLY A 21 -3.69 -0.70 -9.18
N TYR A 22 -4.15 0.30 -8.42
CA TYR A 22 -3.38 1.52 -8.21
C TYR A 22 -3.87 2.26 -6.97
N CYS A 23 -2.96 2.85 -6.23
CA CYS A 23 -3.33 3.61 -5.04
C CYS A 23 -2.87 5.06 -5.17
N LYS A 24 -3.62 5.86 -5.92
CA LYS A 24 -3.28 7.27 -6.12
C LYS A 24 -3.16 7.98 -4.77
N LYS A 25 -3.79 7.41 -3.75
CA LYS A 25 -3.76 8.00 -2.41
C LYS A 25 -2.51 7.56 -1.65
N GLU A 26 -1.69 6.73 -2.27
CA GLU A 26 -0.47 6.25 -1.64
C GLU A 26 0.38 7.43 -1.16
N LYS A 27 0.36 8.52 -1.93
CA LYS A 27 1.11 9.72 -1.58
C LYS A 27 0.55 10.34 -0.31
N GLU A 28 -0.67 9.92 0.06
CA GLU A 28 -1.33 10.42 1.25
C GLU A 28 -1.06 9.46 2.41
N GLY A 29 -1.60 9.79 3.58
CA GLY A 29 -1.41 8.94 4.74
C GLY A 29 -1.97 7.53 4.58
N CYS A 30 -2.17 7.07 3.34
CA CYS A 30 -2.70 5.73 3.12
C CYS A 30 -1.71 4.67 3.58
N PRO A 31 -2.12 3.76 4.48
CA PRO A 31 -1.25 2.71 4.99
C PRO A 31 -1.10 1.55 4.00
N PHE A 32 0.06 0.88 4.07
CA PHE A 32 0.39 -0.27 3.22
C PHE A 32 1.45 0.11 2.19
N LYS A 33 2.19 -0.89 1.73
CA LYS A 33 3.24 -0.68 0.75
C LYS A 33 2.65 -0.72 -0.66
N HIS A 34 2.40 0.45 -1.22
CA HIS A 34 1.84 0.55 -2.56
C HIS A 34 2.95 0.70 -3.61
N SER A 35 3.58 -0.42 -3.95
CA SER A 35 4.65 -0.42 -4.93
C SER A 35 4.09 -0.45 -6.35
N ASP A 36 4.83 0.12 -7.29
CA ASP A 36 4.41 0.15 -8.69
C ASP A 36 3.10 0.92 -8.84
N ASN A 37 2.82 1.39 -10.05
CA ASN A 37 1.60 2.13 -10.33
C ASN A 37 0.83 1.51 -11.48
N THR A 38 1.50 1.38 -12.63
CA THR A 38 0.87 0.80 -13.81
C THR A 38 1.92 0.15 -14.71
N THR A 39 1.50 -0.85 -15.49
CA THR A 39 2.40 -1.55 -16.40
C THR A 39 2.22 -1.07 -17.83
N ALA A 40 2.85 0.04 -18.16
CA ALA A 40 2.76 0.61 -19.50
C ALA A 40 3.83 1.69 -19.72
N THR A 41 4.22 1.87 -20.97
CA THR A 41 5.25 2.86 -21.30
C THR A 41 4.59 4.19 -21.65
ZN ZN B . -3.55 2.77 -0.20
N MET A 1 -3.88 -3.86 20.04
CA MET A 1 -2.98 -3.58 18.90
C MET A 1 -2.97 -2.10 18.54
N ASP A 2 -2.23 -1.31 19.31
CA ASP A 2 -2.14 0.12 19.08
C ASP A 2 -0.86 0.48 18.32
N LYS A 3 0.21 -0.25 18.61
CA LYS A 3 1.49 -0.03 17.96
C LYS A 3 1.62 -0.86 16.69
N ILE A 4 1.76 -0.18 15.55
CA ILE A 4 1.89 -0.86 14.28
C ILE A 4 3.09 -0.35 13.50
N ASN A 5 4.14 -1.17 13.41
CA ASN A 5 5.35 -0.79 12.69
C ASN A 5 5.12 -0.89 11.18
N PRO A 6 5.69 0.05 10.40
CA PRO A 6 5.53 0.05 8.94
C PRO A 6 5.65 -1.34 8.32
N ASP A 7 6.37 -2.23 9.01
CA ASP A 7 6.56 -3.58 8.52
C ASP A 7 5.23 -4.30 8.34
N TRP A 8 4.21 -3.87 9.10
CA TRP A 8 2.89 -4.49 9.01
C TRP A 8 2.20 -4.12 7.69
N ALA A 9 2.14 -2.83 7.41
CA ALA A 9 1.51 -2.34 6.20
C ALA A 9 2.24 -2.86 4.96
N LYS A 10 3.56 -2.91 5.05
CA LYS A 10 4.37 -3.38 3.94
C LYS A 10 4.14 -4.87 3.67
N ASP A 11 3.53 -5.56 4.62
CA ASP A 11 3.26 -6.99 4.46
C ASP A 11 1.80 -7.22 4.05
N ILE A 12 1.03 -6.16 3.97
CA ILE A 12 -0.37 -6.25 3.59
C ILE A 12 -0.67 -5.36 2.38
N PRO A 13 -1.26 -5.92 1.32
CA PRO A 13 -1.59 -5.17 0.10
C PRO A 13 -2.83 -4.29 0.26
N CYS A 14 -2.71 -3.04 -0.16
CA CYS A 14 -3.80 -2.09 -0.08
C CYS A 14 -4.90 -2.43 -1.07
N ARG A 15 -6.14 -2.35 -0.64
CA ARG A 15 -7.27 -2.66 -1.51
C ARG A 15 -7.20 -1.87 -2.81
N ASN A 16 -6.48 -0.75 -2.78
CA ASN A 16 -6.32 0.09 -3.96
C ASN A 16 -5.60 -0.69 -5.06
N ILE A 17 -4.43 -1.21 -4.74
CA ILE A 17 -3.65 -2.00 -5.68
C ILE A 17 -4.33 -3.32 -6.00
N THR A 18 -5.10 -3.82 -5.03
CA THR A 18 -5.79 -5.10 -5.18
C THR A 18 -7.07 -4.95 -6.03
N ILE A 19 -7.83 -3.89 -5.77
CA ILE A 19 -9.08 -3.67 -6.49
C ILE A 19 -8.89 -2.72 -7.68
N TYR A 20 -8.35 -1.55 -7.40
CA TYR A 20 -8.14 -0.53 -8.42
C TYR A 20 -6.84 -0.74 -9.19
N GLY A 21 -5.97 -1.62 -8.69
CA GLY A 21 -4.70 -1.85 -9.33
C GLY A 21 -3.77 -0.65 -9.20
N TYR A 22 -4.21 0.34 -8.41
CA TYR A 22 -3.43 1.55 -8.19
C TYR A 22 -3.90 2.27 -6.93
N CYS A 23 -2.97 2.91 -6.23
CA CYS A 23 -3.32 3.64 -5.03
C CYS A 23 -2.94 5.11 -5.17
N LYS A 24 -3.80 5.87 -5.84
CA LYS A 24 -3.55 7.29 -6.04
C LYS A 24 -3.36 8.00 -4.71
N LYS A 25 -3.87 7.40 -3.65
CA LYS A 25 -3.76 7.96 -2.31
C LYS A 25 -2.48 7.49 -1.62
N GLU A 26 -1.67 6.70 -2.32
CA GLU A 26 -0.43 6.19 -1.77
C GLU A 26 0.44 7.34 -1.27
N LYS A 27 0.39 8.47 -1.98
CA LYS A 27 1.16 9.64 -1.60
C LYS A 27 0.60 10.27 -0.32
N GLU A 28 -0.58 9.81 0.08
CA GLU A 28 -1.23 10.30 1.29
C GLU A 28 -0.95 9.36 2.45
N GLY A 29 -1.46 9.70 3.62
CA GLY A 29 -1.24 8.86 4.79
C GLY A 29 -1.83 7.46 4.66
N CYS A 30 -2.05 6.98 3.44
CA CYS A 30 -2.61 5.66 3.24
C CYS A 30 -1.65 4.58 3.72
N PRO A 31 -2.13 3.62 4.51
CA PRO A 31 -1.29 2.54 5.02
C PRO A 31 -1.10 1.42 4.01
N PHE A 32 0.07 0.76 4.07
CA PHE A 32 0.43 -0.36 3.19
C PHE A 32 1.52 0.06 2.21
N LYS A 33 2.28 -0.91 1.74
CA LYS A 33 3.35 -0.64 0.79
C LYS A 33 2.81 -0.67 -0.64
N HIS A 34 2.53 0.50 -1.18
CA HIS A 34 2.00 0.61 -2.53
C HIS A 34 3.13 0.84 -3.54
N SER A 35 3.83 -0.22 -3.89
CA SER A 35 4.93 -0.13 -4.84
C SER A 35 4.47 -0.52 -6.25
N ASP A 36 5.11 0.07 -7.25
CA ASP A 36 4.77 -0.23 -8.64
C ASP A 36 5.45 -1.50 -9.12
N ASN A 37 4.89 -2.64 -8.75
CA ASN A 37 5.43 -3.93 -9.14
C ASN A 37 4.78 -4.44 -10.42
N THR A 38 5.23 -5.60 -10.87
CA THR A 38 4.68 -6.21 -12.09
C THR A 38 3.57 -7.20 -11.75
N THR A 39 2.54 -7.24 -12.60
CA THR A 39 1.42 -8.14 -12.38
C THR A 39 1.53 -9.37 -13.28
N ALA A 40 2.76 -9.81 -13.53
CA ALA A 40 2.99 -10.97 -14.37
C ALA A 40 3.15 -12.23 -13.53
N THR A 41 2.13 -13.09 -13.58
CA THR A 41 2.16 -14.34 -12.83
C THR A 41 2.95 -15.41 -13.57
ZN ZN B . -3.48 2.70 -0.18
#